data_6XEQ
#
_entry.id   6XEQ
#
_cell.length_a   87.061
_cell.length_b   125.675
_cell.length_c   166.273
_cell.angle_alpha   90.000
_cell.angle_beta   90.000
_cell.angle_gamma   90.000
#
_symmetry.space_group_name_H-M   'P 21 21 21'
#
loop_
_entity.id
_entity.type
_entity.pdbx_description
1 polymer '6-phosphogluconate dehydrogenase'
2 non-polymer 'SULFATE ION'
3 water water
#
_entity_poly.entity_id   1
_entity_poly.type   'polypeptide(L)'
_entity_poly.pdbx_seq_one_letter_code
;MGSSHHHHHHSSGENLYFQGHMRIGIIGLGRMGGNIAVRLTRHGHDVVVHDRTSEVTTSVVGRCEAGRATPADTLADMAK
LLEGDEHRVVWVMLPAGAITEDCVQQLGGLLGRGDIIIDGGNTYYKDDVRRSAELAEKGISYVDVGTSGGVWGLERGYCM
MFGGTKETAEYIDPILSALAPGIGDVPRTPGRDEAGHDPRAEQGYLHCGPAGSGHFVKMVHNGIEYGMMQAFAEGFDIMK
SKNSPILAEKDRFELNMGDIAEVWRRGSVVSSWLLDLTAEALTRSETLNEFSGEVADSGEGRWTIEAAIEEDVPAPVMTA
ALFTRFRSRSGNNFAEKILSAQRFGFGGHVEKK
;
_entity_poly.pdbx_strand_id   A,B,C,D
#
# COMPACT_ATOMS: atom_id res chain seq x y z
N PHE A 18 -0.33 -52.49 -4.75
CA PHE A 18 -1.61 -52.31 -4.08
C PHE A 18 -2.77 -52.65 -5.03
N GLN A 19 -3.66 -53.53 -4.58
CA GLN A 19 -4.74 -54.01 -5.45
C GLN A 19 -6.07 -54.10 -4.71
N GLY A 20 -6.26 -53.29 -3.68
CA GLY A 20 -7.50 -53.34 -2.92
C GLY A 20 -8.08 -51.99 -2.59
N HIS A 21 -8.88 -51.93 -1.52
CA HIS A 21 -9.42 -50.68 -1.00
C HIS A 21 -9.19 -50.65 0.50
N MET A 22 -9.49 -49.49 1.10
CA MET A 22 -9.30 -49.28 2.53
C MET A 22 -10.61 -48.85 3.17
N ARG A 23 -10.61 -48.84 4.50
CA ARG A 23 -11.77 -48.44 5.29
C ARG A 23 -11.37 -47.30 6.20
N ILE A 24 -12.12 -46.20 6.13
CA ILE A 24 -11.82 -44.97 6.86
C ILE A 24 -13.08 -44.53 7.60
N GLY A 25 -12.92 -44.07 8.83
CA GLY A 25 -14.00 -43.39 9.52
C GLY A 25 -13.96 -41.91 9.21
N ILE A 26 -15.14 -41.27 9.24
CA ILE A 26 -15.23 -39.85 8.92
C ILE A 26 -16.15 -39.19 9.93
N ILE A 27 -15.64 -38.18 10.63
CA ILE A 27 -16.39 -37.43 11.63
C ILE A 27 -16.60 -36.02 11.11
N GLY A 28 -17.85 -35.58 11.09
CA GLY A 28 -18.17 -34.28 10.54
C GLY A 28 -18.64 -34.38 9.11
N LEU A 29 -19.94 -34.56 8.93
CA LEU A 29 -20.48 -34.81 7.59
C LEU A 29 -21.13 -33.56 6.99
N GLY A 30 -20.34 -32.53 6.75
CA GLY A 30 -20.84 -31.31 6.17
C GLY A 30 -20.85 -31.36 4.66
N ARG A 31 -20.80 -30.17 4.05
CA ARG A 31 -20.77 -30.07 2.59
C ARG A 31 -19.45 -30.56 2.00
N MET A 32 -18.44 -30.83 2.82
CA MET A 32 -17.18 -31.41 2.37
C MET A 32 -16.92 -32.78 2.97
N GLY A 33 -17.25 -33.00 4.23
CA GLY A 33 -17.05 -34.32 4.83
C GLY A 33 -17.91 -35.38 4.16
N GLY A 34 -19.21 -35.09 3.99
CA GLY A 34 -20.06 -36.01 3.27
C GLY A 34 -19.65 -36.19 1.83
N ASN A 35 -19.22 -35.10 1.19
CA ASN A 35 -18.73 -35.20 -0.18
C ASN A 35 -17.45 -36.02 -0.26
N ILE A 36 -16.57 -35.90 0.74
CA ILE A 36 -15.37 -36.71 0.78
C ILE A 36 -15.73 -38.19 0.94
N ALA A 37 -16.70 -38.49 1.81
CA ALA A 37 -17.15 -39.87 1.97
C ALA A 37 -17.73 -40.41 0.67
N VAL A 38 -18.55 -39.61 -0.01
CA VAL A 38 -19.18 -40.06 -1.25
C VAL A 38 -18.13 -40.30 -2.32
N ARG A 39 -17.12 -39.41 -2.40
CA ARG A 39 -16.06 -39.58 -3.40
C ARG A 39 -15.20 -40.80 -3.07
N LEU A 40 -14.96 -41.07 -1.79
CA LEU A 40 -14.21 -42.26 -1.41
C LEU A 40 -14.97 -43.53 -1.78
N THR A 41 -16.29 -43.55 -1.53
CA THR A 41 -17.07 -44.73 -1.88
C THR A 41 -17.17 -44.90 -3.40
N ARG A 42 -17.28 -43.80 -4.14
CA ARG A 42 -17.31 -43.88 -5.59
C ARG A 42 -16.01 -44.40 -6.16
N HIS A 43 -14.90 -44.27 -5.44
CA HIS A 43 -13.61 -44.79 -5.87
C HIS A 43 -13.30 -46.15 -5.26
N GLY A 44 -14.27 -46.80 -4.63
CA GLY A 44 -14.14 -48.16 -4.16
C GLY A 44 -13.84 -48.32 -2.68
N HIS A 45 -13.55 -47.24 -1.96
CA HIS A 45 -13.19 -47.35 -0.56
C HIS A 45 -14.44 -47.42 0.32
N ASP A 46 -14.25 -47.97 1.51
CA ASP A 46 -15.30 -48.06 2.51
C ASP A 46 -15.14 -46.94 3.54
N VAL A 47 -16.27 -46.36 3.94
CA VAL A 47 -16.26 -45.29 4.93
C VAL A 47 -17.20 -45.65 6.07
N VAL A 48 -16.87 -45.17 7.26
CA VAL A 48 -17.70 -45.30 8.45
C VAL A 48 -17.97 -43.89 8.94
N VAL A 49 -19.17 -43.39 8.70
CA VAL A 49 -19.48 -41.99 8.90
C VAL A 49 -20.24 -41.78 10.20
N HIS A 50 -20.13 -40.57 10.74
CA HIS A 50 -20.84 -40.19 11.96
C HIS A 50 -20.92 -38.67 12.04
N ASP A 51 -22.10 -38.17 12.37
CA ASP A 51 -22.32 -36.75 12.58
C ASP A 51 -23.16 -36.56 13.83
N ARG A 52 -23.14 -35.33 14.37
CA ARG A 52 -23.98 -35.03 15.52
C ARG A 52 -25.46 -35.16 15.16
N THR A 53 -25.82 -34.84 13.92
CA THR A 53 -27.18 -35.01 13.44
C THR A 53 -27.28 -36.39 12.80
N SER A 54 -28.10 -37.26 13.39
CA SER A 54 -28.26 -38.61 12.84
C SER A 54 -28.91 -38.58 11.47
N GLU A 55 -29.78 -37.60 11.22
CA GLU A 55 -30.45 -37.49 9.93
C GLU A 55 -29.43 -37.32 8.81
N VAL A 56 -28.48 -36.40 8.97
CA VAL A 56 -27.49 -36.19 7.92
C VAL A 56 -26.52 -37.35 7.84
N THR A 57 -26.30 -38.06 8.95
CA THR A 57 -25.49 -39.28 8.89
C THR A 57 -26.12 -40.31 7.98
N THR A 58 -27.40 -40.62 8.21
CA THR A 58 -28.10 -41.57 7.35
C THR A 58 -28.21 -41.03 5.93
N SER A 59 -28.32 -39.71 5.77
CA SER A 59 -28.37 -39.12 4.42
C SER A 59 -27.06 -39.36 3.67
N VAL A 60 -25.93 -39.14 4.33
CA VAL A 60 -24.63 -39.38 3.69
C VAL A 60 -24.46 -40.87 3.39
N VAL A 61 -24.94 -41.73 4.30
CA VAL A 61 -24.91 -43.17 4.01
C VAL A 61 -25.70 -43.47 2.75
N GLY A 62 -26.87 -42.86 2.60
CA GLY A 62 -27.67 -43.08 1.41
C GLY A 62 -27.06 -42.50 0.15
N ARG A 63 -26.28 -41.42 0.28
CA ARG A 63 -25.65 -40.80 -0.87
C ARG A 63 -24.45 -41.58 -1.39
N CYS A 64 -23.90 -42.50 -0.60
CA CYS A 64 -22.77 -43.30 -1.03
C CYS A 64 -23.24 -44.55 -1.76
N GLU A 65 -22.29 -45.23 -2.39
CA GLU A 65 -22.59 -46.48 -3.07
C GLU A 65 -23.05 -47.54 -2.06
N ALA A 66 -23.91 -48.45 -2.52
CA ALA A 66 -24.51 -49.43 -1.62
C ALA A 66 -23.45 -50.37 -1.06
N GLY A 67 -23.46 -50.52 0.26
CA GLY A 67 -22.55 -51.43 0.93
C GLY A 67 -21.16 -50.89 1.20
N ARG A 68 -20.88 -49.65 0.83
CA ARG A 68 -19.57 -49.05 1.04
C ARG A 68 -19.56 -47.99 2.14
N ALA A 69 -20.72 -47.67 2.71
CA ALA A 69 -20.82 -46.67 3.77
C ALA A 69 -21.56 -47.27 4.95
N THR A 70 -20.94 -47.22 6.12
CA THR A 70 -21.54 -47.71 7.36
C THR A 70 -21.81 -46.55 8.29
N PRO A 71 -23.03 -46.42 8.80
CA PRO A 71 -23.32 -45.36 9.78
C PRO A 71 -22.83 -45.73 11.16
N ALA A 72 -22.44 -44.69 11.91
CA ALA A 72 -22.02 -44.84 13.30
C ALA A 72 -22.73 -43.78 14.14
N ASP A 73 -23.14 -44.17 15.34
CA ASP A 73 -23.88 -43.26 16.21
C ASP A 73 -22.97 -42.52 17.19
N THR A 74 -21.89 -43.15 17.65
CA THR A 74 -20.94 -42.53 18.55
C THR A 74 -19.53 -42.74 18.01
N LEU A 75 -18.56 -42.05 18.62
CA LEU A 75 -17.17 -42.25 18.24
C LEU A 75 -16.68 -43.64 18.62
N ALA A 76 -17.12 -44.15 19.77
CA ALA A 76 -16.75 -45.50 20.16
C ALA A 76 -17.36 -46.53 19.22
N ASP A 77 -18.56 -46.26 18.71
CA ASP A 77 -19.20 -47.20 17.78
C ASP A 77 -18.36 -47.37 16.52
N MET A 78 -17.90 -46.27 15.92
CA MET A 78 -17.06 -46.39 14.74
C MET A 78 -15.64 -46.85 15.07
N ALA A 79 -15.16 -46.56 16.28
CA ALA A 79 -13.87 -47.10 16.70
C ALA A 79 -13.92 -48.62 16.77
N LYS A 80 -15.06 -49.16 17.20
CA LYS A 80 -15.24 -50.62 17.19
C LYS A 80 -15.54 -51.13 15.78
N LEU A 81 -16.18 -50.32 14.94
CA LEU A 81 -16.49 -50.71 13.57
C LEU A 81 -15.26 -50.72 12.68
N LEU A 82 -14.19 -50.03 13.08
CA LEU A 82 -12.96 -49.96 12.30
C LEU A 82 -11.93 -51.00 12.73
N GLU A 83 -12.23 -51.79 13.76
CA GLU A 83 -11.26 -52.75 14.26
C GLU A 83 -11.01 -53.86 13.23
N GLY A 84 -9.88 -54.54 13.40
CA GLY A 84 -9.50 -55.60 12.49
C GLY A 84 -8.45 -55.14 11.49
N ASP A 85 -8.55 -53.88 11.05
CA ASP A 85 -7.58 -53.33 10.13
C ASP A 85 -6.22 -53.18 10.81
N GLU A 86 -5.18 -53.03 9.97
CA GLU A 86 -3.84 -52.82 10.50
C GLU A 86 -3.76 -51.54 11.31
N HIS A 87 -4.31 -50.45 10.77
CA HIS A 87 -4.39 -49.18 11.47
C HIS A 87 -5.74 -48.55 11.18
N ARG A 88 -6.42 -48.10 12.24
CA ARG A 88 -7.71 -47.44 12.09
C ARG A 88 -7.49 -45.98 11.72
N VAL A 89 -7.96 -45.59 10.53
CA VAL A 89 -7.80 -44.25 10.01
C VAL A 89 -9.10 -43.49 10.22
N VAL A 90 -9.01 -42.33 10.86
CA VAL A 90 -10.19 -41.51 11.17
C VAL A 90 -9.95 -40.10 10.65
N TRP A 91 -10.71 -39.70 9.64
CA TRP A 91 -10.66 -38.37 9.05
C TRP A 91 -11.69 -37.48 9.75
N VAL A 92 -11.23 -36.34 10.25
CA VAL A 92 -12.07 -35.40 11.01
C VAL A 92 -12.17 -34.11 10.21
N MET A 93 -13.41 -33.71 9.88
CA MET A 93 -13.70 -32.43 9.22
C MET A 93 -14.82 -31.76 10.01
N LEU A 94 -14.43 -31.09 11.09
CA LEU A 94 -15.34 -30.39 11.98
C LEU A 94 -14.97 -28.91 12.01
N PRO A 95 -15.85 -28.05 12.50
CA PRO A 95 -15.50 -26.63 12.65
C PRO A 95 -14.23 -26.46 13.48
N ALA A 96 -13.27 -25.74 12.90
CA ALA A 96 -11.98 -25.56 13.57
C ALA A 96 -12.13 -24.73 14.84
N GLY A 97 -11.38 -25.12 15.86
CA GLY A 97 -11.46 -24.45 17.15
C GLY A 97 -11.49 -25.42 18.30
N ALA A 98 -12.52 -25.33 19.13
CA ALA A 98 -12.66 -26.23 20.28
C ALA A 98 -13.34 -27.54 19.92
N ILE A 99 -14.25 -27.52 18.96
CA ILE A 99 -14.94 -28.75 18.56
C ILE A 99 -13.95 -29.77 18.02
N THR A 100 -13.11 -29.35 17.06
CA THR A 100 -12.13 -30.24 16.47
C THR A 100 -11.12 -30.72 17.50
N GLU A 101 -10.70 -29.83 18.40
CA GLU A 101 -9.73 -30.21 19.43
C GLU A 101 -10.32 -31.27 20.35
N ASP A 102 -11.56 -31.07 20.80
CA ASP A 102 -12.22 -32.05 21.66
C ASP A 102 -12.37 -33.38 20.94
N CYS A 103 -12.77 -33.36 19.67
CA CYS A 103 -12.93 -34.60 18.92
C CYS A 103 -11.60 -35.32 18.74
N VAL A 104 -10.53 -34.58 18.46
CA VAL A 104 -9.23 -35.20 18.24
C VAL A 104 -8.69 -35.81 19.52
N GLN A 105 -8.87 -35.13 20.66
CA GLN A 105 -8.40 -35.73 21.90
C GLN A 105 -9.28 -36.91 22.32
N GLN A 106 -10.58 -36.88 22.01
CA GLN A 106 -11.41 -38.06 22.25
C GLN A 106 -10.95 -39.24 21.40
N LEU A 107 -10.55 -38.98 20.15
CA LEU A 107 -10.03 -40.05 19.32
C LEU A 107 -8.69 -40.55 19.85
N GLY A 108 -7.85 -39.66 20.36
CA GLY A 108 -6.62 -40.08 21.01
C GLY A 108 -6.89 -40.93 22.23
N GLY A 109 -8.03 -40.71 22.90
CA GLY A 109 -8.41 -41.57 24.00
C GLY A 109 -9.00 -42.90 23.56
N LEU A 110 -9.67 -42.93 22.41
CA LEU A 110 -10.31 -44.15 21.92
C LEU A 110 -9.38 -45.03 21.10
N LEU A 111 -8.61 -44.44 20.19
CA LEU A 111 -7.76 -45.22 19.31
C LEU A 111 -6.49 -45.67 20.04
N GLY A 112 -5.84 -46.69 19.47
CA GLY A 112 -4.66 -47.27 20.05
C GLY A 112 -3.39 -46.95 19.27
N ARG A 113 -2.32 -47.63 19.66
CA ARG A 113 -1.02 -47.42 19.02
C ARG A 113 -1.04 -47.92 17.58
N GLY A 114 -0.65 -47.04 16.65
CA GLY A 114 -0.63 -47.36 15.24
C GLY A 114 -1.73 -46.67 14.45
N ASP A 115 -2.88 -46.43 15.08
CA ASP A 115 -4.00 -45.79 14.39
C ASP A 115 -3.62 -44.39 13.92
N ILE A 116 -4.37 -43.88 12.96
CA ILE A 116 -4.06 -42.63 12.28
C ILE A 116 -5.24 -41.68 12.41
N ILE A 117 -4.95 -40.45 12.82
CA ILE A 117 -5.94 -39.40 12.95
C ILE A 117 -5.62 -38.32 11.93
N ILE A 118 -6.49 -38.16 10.95
CA ILE A 118 -6.37 -37.14 9.92
C ILE A 118 -7.26 -35.97 10.29
N ASP A 119 -6.73 -34.75 10.15
CA ASP A 119 -7.47 -33.53 10.43
C ASP A 119 -7.59 -32.74 9.13
N GLY A 120 -8.81 -32.67 8.60
CA GLY A 120 -9.07 -31.99 7.34
C GLY A 120 -9.66 -30.61 7.46
N GLY A 121 -9.81 -30.08 8.67
CA GLY A 121 -10.40 -28.76 8.87
C GLY A 121 -9.41 -27.65 8.62
N ASN A 122 -9.81 -26.46 9.05
CA ASN A 122 -8.97 -25.26 8.92
C ASN A 122 -8.30 -24.92 10.25
N THR A 123 -7.52 -25.88 10.75
CA THR A 123 -6.86 -25.74 12.04
C THR A 123 -5.54 -25.00 11.88
N TYR A 124 -5.23 -24.16 12.87
CA TYR A 124 -3.93 -23.50 12.90
C TYR A 124 -2.81 -24.54 12.93
N TYR A 125 -1.77 -24.30 12.12
CA TYR A 125 -0.73 -25.32 11.95
C TYR A 125 0.05 -25.55 13.24
N LYS A 126 0.16 -24.54 14.09
CA LYS A 126 0.79 -24.75 15.39
C LYS A 126 -0.03 -25.71 16.25
N ASP A 127 -1.36 -25.59 16.19
CA ASP A 127 -2.21 -26.60 16.84
C ASP A 127 -1.95 -27.98 16.26
N ASP A 128 -1.66 -28.05 14.95
CA ASP A 128 -1.40 -29.35 14.33
C ASP A 128 -0.11 -29.96 14.87
N VAL A 129 0.96 -29.16 14.95
CA VAL A 129 2.22 -29.72 15.46
C VAL A 129 2.07 -30.09 16.93
N ARG A 130 1.29 -29.33 17.69
CA ARG A 130 1.08 -29.65 19.10
C ARG A 130 0.30 -30.95 19.25
N ARG A 131 -0.79 -31.09 18.50
CA ARG A 131 -1.57 -32.33 18.55
C ARG A 131 -0.75 -33.52 18.10
N SER A 132 0.11 -33.33 17.09
CA SER A 132 0.96 -34.43 16.64
C SER A 132 1.95 -34.83 17.73
N ALA A 133 2.59 -33.86 18.38
CA ALA A 133 3.49 -34.18 19.47
C ALA A 133 2.76 -34.88 20.61
N GLU A 134 1.52 -34.47 20.89
CA GLU A 134 0.77 -35.09 21.99
C GLU A 134 0.37 -36.52 21.64
N LEU A 135 -0.08 -36.77 20.41
CA LEU A 135 -0.56 -38.08 20.03
C LEU A 135 0.57 -39.05 19.70
N ALA A 136 1.76 -38.55 19.35
CA ALA A 136 2.88 -39.45 19.09
C ALA A 136 3.32 -40.19 20.34
N GLU A 137 3.06 -39.60 21.53
CA GLU A 137 3.38 -40.30 22.77
C GLU A 137 2.43 -41.46 23.01
N LYS A 138 1.16 -41.31 22.62
CA LYS A 138 0.21 -42.41 22.65
C LYS A 138 0.41 -43.40 21.52
N GLY A 139 1.45 -43.22 20.71
CA GLY A 139 1.68 -44.08 19.56
C GLY A 139 0.80 -43.79 18.37
N ILE A 140 -0.11 -42.83 18.47
CA ILE A 140 -1.06 -42.52 17.40
C ILE A 140 -0.41 -41.56 16.42
N SER A 141 -0.46 -41.91 15.14
CA SER A 141 0.06 -41.04 14.09
C SER A 141 -0.96 -39.97 13.74
N TYR A 142 -0.49 -38.74 13.61
CA TYR A 142 -1.34 -37.59 13.33
C TYR A 142 -0.95 -36.99 11.99
N VAL A 143 -1.96 -36.72 11.15
CA VAL A 143 -1.74 -36.15 9.82
C VAL A 143 -2.69 -34.97 9.65
N ASP A 144 -2.18 -33.87 9.11
CA ASP A 144 -2.99 -32.70 8.82
C ASP A 144 -3.13 -32.55 7.31
N VAL A 145 -4.37 -32.37 6.83
CA VAL A 145 -4.66 -32.34 5.40
C VAL A 145 -5.41 -31.06 5.10
N GLY A 146 -4.74 -30.13 4.41
CA GLY A 146 -5.43 -29.00 3.83
C GLY A 146 -6.10 -29.41 2.54
N THR A 147 -7.42 -29.25 2.48
CA THR A 147 -8.23 -29.71 1.36
C THR A 147 -8.77 -28.48 0.63
N SER A 148 -8.32 -28.28 -0.61
CA SER A 148 -8.75 -27.17 -1.44
C SER A 148 -9.57 -27.69 -2.61
N GLY A 149 -10.67 -27.00 -2.90
CA GLY A 149 -11.60 -27.41 -3.92
C GLY A 149 -13.03 -27.15 -3.52
N GLY A 150 -13.29 -27.19 -2.22
CA GLY A 150 -14.62 -26.87 -1.71
C GLY A 150 -15.63 -27.91 -2.14
N VAL A 151 -16.78 -27.44 -2.61
CA VAL A 151 -17.84 -28.34 -3.05
C VAL A 151 -17.57 -28.91 -4.44
N TRP A 152 -16.73 -28.26 -5.24
CA TRP A 152 -16.43 -28.76 -6.57
C TRP A 152 -15.60 -30.03 -6.51
N GLY A 153 -14.78 -30.18 -5.46
CA GLY A 153 -13.87 -31.32 -5.36
C GLY A 153 -14.55 -32.67 -5.39
N LEU A 154 -15.85 -32.72 -5.11
CA LEU A 154 -16.57 -34.00 -5.21
C LEU A 154 -16.51 -34.53 -6.63
N GLU A 155 -16.63 -33.65 -7.63
CA GLU A 155 -16.61 -34.07 -9.02
C GLU A 155 -15.24 -33.91 -9.67
N ARG A 156 -14.46 -32.91 -9.25
CA ARG A 156 -13.20 -32.58 -9.89
C ARG A 156 -11.98 -33.01 -9.09
N GLY A 157 -12.17 -33.56 -7.91
CA GLY A 157 -11.03 -33.94 -7.09
C GLY A 157 -10.58 -32.82 -6.15
N TYR A 158 -10.03 -33.22 -5.02
CA TYR A 158 -9.57 -32.29 -4.00
C TYR A 158 -8.05 -32.14 -4.08
N CYS A 159 -7.58 -30.91 -4.19
CA CYS A 159 -6.15 -30.63 -4.08
C CYS A 159 -5.78 -30.67 -2.61
N MET A 160 -4.96 -31.66 -2.23
CA MET A 160 -4.67 -31.91 -0.83
C MET A 160 -3.20 -31.68 -0.54
N MET A 161 -2.92 -30.85 0.45
CA MET A 161 -1.56 -30.63 0.95
C MET A 161 -1.52 -31.14 2.37
N PHE A 162 -0.83 -32.25 2.60
CA PHE A 162 -0.88 -32.91 3.90
C PHE A 162 0.52 -33.05 4.50
N GLY A 163 0.54 -33.06 5.82
CA GLY A 163 1.78 -33.22 6.56
C GLY A 163 1.65 -34.34 7.57
N GLY A 164 2.74 -35.10 7.71
CA GLY A 164 2.78 -36.27 8.57
C GLY A 164 4.06 -37.02 8.31
N THR A 165 4.20 -38.15 9.01
CA THR A 165 5.38 -38.97 8.81
C THR A 165 5.30 -39.68 7.45
N LYS A 166 6.47 -40.05 6.92
CA LYS A 166 6.51 -40.73 5.63
C LYS A 166 5.80 -42.08 5.70
N GLU A 167 5.82 -42.74 6.86
CA GLU A 167 5.18 -44.04 7.00
C GLU A 167 3.67 -43.92 6.87
N THR A 168 3.05 -43.05 7.68
CA THR A 168 1.60 -42.87 7.59
C THR A 168 1.19 -42.24 6.27
N ALA A 169 2.09 -41.46 5.65
CA ALA A 169 1.79 -40.92 4.32
C ALA A 169 1.72 -42.04 3.29
N GLU A 170 2.68 -42.96 3.34
CA GLU A 170 2.65 -44.11 2.43
C GLU A 170 1.52 -45.07 2.74
N TYR A 171 1.02 -45.06 3.98
CA TYR A 171 -0.08 -45.96 4.34
C TYR A 171 -1.41 -45.47 3.77
N ILE A 172 -1.72 -44.20 3.97
CA ILE A 172 -3.02 -43.65 3.56
C ILE A 172 -2.97 -43.16 2.12
N ASP A 173 -1.88 -43.48 1.42
CA ASP A 173 -1.74 -43.07 0.03
C ASP A 173 -2.90 -43.51 -0.87
N PRO A 174 -3.49 -44.70 -0.72
CA PRO A 174 -4.66 -45.03 -1.57
C PRO A 174 -5.80 -44.04 -1.44
N ILE A 175 -6.20 -43.69 -0.22
CA ILE A 175 -7.37 -42.83 -0.06
C ILE A 175 -7.08 -41.41 -0.52
N LEU A 176 -5.83 -40.94 -0.37
CA LEU A 176 -5.48 -39.61 -0.85
C LEU A 176 -5.45 -39.58 -2.37
N SER A 177 -4.84 -40.60 -2.99
CA SER A 177 -4.86 -40.68 -4.45
C SER A 177 -6.26 -40.87 -4.99
N ALA A 178 -7.18 -41.42 -4.18
CA ALA A 178 -8.57 -41.52 -4.58
C ALA A 178 -9.26 -40.17 -4.53
N LEU A 179 -9.04 -39.41 -3.45
CA LEU A 179 -9.62 -38.07 -3.34
C LEU A 179 -8.92 -37.05 -4.23
N ALA A 180 -7.71 -37.34 -4.71
CA ALA A 180 -6.97 -36.40 -5.52
C ALA A 180 -7.61 -36.26 -6.91
N PRO A 181 -7.37 -35.14 -7.59
CA PRO A 181 -7.93 -34.98 -8.94
C PRO A 181 -7.28 -35.89 -9.97
N GLY A 182 -6.01 -36.25 -9.80
CA GLY A 182 -5.30 -37.08 -10.75
C GLY A 182 -4.50 -36.27 -11.74
N ILE A 183 -3.82 -37.00 -12.63
CA ILE A 183 -3.00 -36.36 -13.65
C ILE A 183 -3.88 -35.57 -14.61
N GLY A 184 -4.98 -36.17 -15.07
CA GLY A 184 -5.98 -35.51 -15.88
C GLY A 184 -5.46 -34.98 -17.19
N ASP A 185 -6.26 -34.10 -17.80
CA ASP A 185 -5.91 -33.47 -19.06
C ASP A 185 -5.01 -32.26 -18.90
N VAL A 186 -4.74 -31.84 -17.67
CA VAL A 186 -3.86 -30.70 -17.39
C VAL A 186 -2.48 -31.01 -17.95
N PRO A 187 -1.93 -30.17 -18.81
CA PRO A 187 -0.64 -30.50 -19.44
C PRO A 187 0.48 -30.58 -18.42
N ARG A 188 1.37 -31.54 -18.62
CA ARG A 188 2.52 -31.70 -17.74
C ARG A 188 3.45 -30.49 -17.86
N THR A 189 4.12 -30.17 -16.77
CA THR A 189 5.07 -29.08 -16.76
C THR A 189 6.38 -29.51 -17.41
N PRO A 190 6.86 -28.80 -18.41
CA PRO A 190 8.16 -29.15 -19.02
C PRO A 190 9.28 -29.04 -17.99
N GLY A 191 10.00 -30.14 -17.81
CA GLY A 191 11.08 -30.20 -16.84
C GLY A 191 10.78 -30.95 -15.57
N ARG A 192 9.75 -31.79 -15.55
CA ARG A 192 9.39 -32.58 -14.38
C ARG A 192 9.88 -34.02 -14.48
N ASP A 193 10.67 -34.35 -15.50
CA ASP A 193 11.16 -35.70 -15.71
C ASP A 193 12.44 -36.02 -14.95
N GLU A 194 13.08 -35.01 -14.35
CA GLU A 194 14.29 -35.23 -13.59
C GLU A 194 13.96 -35.81 -12.22
N ALA A 195 15.01 -36.24 -11.51
CA ALA A 195 14.86 -36.82 -10.19
C ALA A 195 14.86 -35.72 -9.12
N GLY A 196 14.47 -36.12 -7.91
CA GLY A 196 14.39 -35.19 -6.80
C GLY A 196 13.05 -34.53 -6.62
N HIS A 197 12.03 -34.91 -7.38
CA HIS A 197 10.70 -34.35 -7.27
C HIS A 197 9.72 -35.40 -6.79
N ASP A 198 8.69 -34.95 -6.08
CA ASP A 198 7.60 -35.83 -5.67
C ASP A 198 6.64 -35.98 -6.84
N PRO A 199 6.53 -37.17 -7.43
CA PRO A 199 5.64 -37.33 -8.58
C PRO A 199 4.17 -37.25 -8.23
N ARG A 200 3.80 -37.57 -6.98
CA ARG A 200 2.40 -37.49 -6.58
C ARG A 200 1.86 -36.07 -6.64
N ALA A 201 2.73 -35.07 -6.63
CA ALA A 201 2.29 -33.69 -6.81
C ALA A 201 1.61 -33.50 -8.16
N GLU A 202 1.99 -34.29 -9.16
CA GLU A 202 1.36 -34.22 -10.47
C GLU A 202 -0.02 -34.89 -10.49
N GLN A 203 -0.48 -35.42 -9.35
CA GLN A 203 -1.81 -36.00 -9.24
C GLN A 203 -2.77 -35.17 -8.42
N GLY A 204 -2.28 -34.19 -7.66
CA GLY A 204 -3.14 -33.31 -6.91
C GLY A 204 -2.97 -33.37 -5.41
N TYR A 205 -2.14 -34.25 -4.88
CA TYR A 205 -1.88 -34.33 -3.45
C TYR A 205 -0.38 -34.41 -3.21
N LEU A 206 0.08 -33.73 -2.16
CA LEU A 206 1.50 -33.59 -1.89
C LEU A 206 1.77 -33.74 -0.40
N HIS A 207 2.75 -34.57 -0.07
CA HIS A 207 3.28 -34.65 1.30
C HIS A 207 4.26 -33.51 1.50
N CYS A 208 3.88 -32.53 2.32
CA CYS A 208 4.65 -31.29 2.44
C CYS A 208 5.77 -31.37 3.46
N GLY A 209 5.63 -32.22 4.48
CA GLY A 209 6.64 -32.36 5.50
C GLY A 209 6.08 -32.98 6.76
N PRO A 210 6.65 -32.63 7.90
CA PRO A 210 6.11 -33.11 9.18
C PRO A 210 4.70 -32.58 9.41
N ALA A 211 4.06 -33.12 10.44
CA ALA A 211 2.69 -32.71 10.76
C ALA A 211 2.62 -31.22 11.02
N GLY A 212 1.63 -30.56 10.43
CA GLY A 212 1.46 -29.13 10.52
C GLY A 212 1.80 -28.40 9.24
N SER A 213 2.68 -28.98 8.41
CA SER A 213 3.10 -28.30 7.18
C SER A 213 1.98 -28.27 6.15
N GLY A 214 1.11 -29.28 6.14
CA GLY A 214 0.02 -29.29 5.17
C GLY A 214 -0.94 -28.13 5.38
N HIS A 215 -1.38 -27.92 6.62
CA HIS A 215 -2.24 -26.79 6.91
C HIS A 215 -1.50 -25.47 6.72
N PHE A 216 -0.18 -25.46 6.92
CA PHE A 216 0.59 -24.24 6.69
C PHE A 216 0.56 -23.84 5.22
N VAL A 217 0.83 -24.80 4.33
CA VAL A 217 0.83 -24.47 2.91
C VAL A 217 -0.59 -24.22 2.42
N LYS A 218 -1.60 -24.88 3.01
CA LYS A 218 -2.99 -24.55 2.69
C LYS A 218 -3.32 -23.12 3.12
N MET A 219 -2.77 -22.68 4.24
CA MET A 219 -2.99 -21.31 4.71
C MET A 219 -2.37 -20.29 3.76
N VAL A 220 -1.12 -20.55 3.34
CA VAL A 220 -0.49 -19.67 2.36
C VAL A 220 -1.26 -19.69 1.04
N HIS A 221 -1.80 -20.85 0.68
CA HIS A 221 -2.64 -20.98 -0.51
C HIS A 221 -3.87 -20.08 -0.41
N ASN A 222 -4.54 -20.11 0.74
CA ASN A 222 -5.70 -19.24 0.94
C ASN A 222 -5.29 -17.77 0.92
N GLY A 223 -4.11 -17.44 1.42
CA GLY A 223 -3.65 -16.06 1.37
C GLY A 223 -3.45 -15.58 -0.06
N ILE A 224 -2.79 -16.39 -0.88
CA ILE A 224 -2.63 -16.04 -2.29
C ILE A 224 -3.99 -15.94 -2.97
N GLU A 225 -4.91 -16.83 -2.61
CA GLU A 225 -6.27 -16.79 -3.15
C GLU A 225 -6.94 -15.46 -2.84
N TYR A 226 -6.86 -15.02 -1.58
CA TYR A 226 -7.47 -13.75 -1.20
C TYR A 226 -6.83 -12.58 -1.94
N GLY A 227 -5.50 -12.63 -2.10
CA GLY A 227 -4.84 -11.57 -2.85
C GLY A 227 -5.33 -11.47 -4.28
N MET A 228 -5.34 -12.60 -4.98
CA MET A 228 -5.81 -12.59 -6.38
C MET A 228 -7.28 -12.21 -6.46
N MET A 229 -8.08 -12.64 -5.48
CA MET A 229 -9.50 -12.30 -5.46
C MET A 229 -9.69 -10.80 -5.35
N GLN A 230 -8.98 -10.16 -4.43
CA GLN A 230 -9.07 -8.71 -4.30
C GLN A 230 -8.56 -8.00 -5.54
N ALA A 231 -7.51 -8.54 -6.17
CA ALA A 231 -7.00 -7.95 -7.40
C ALA A 231 -8.07 -7.95 -8.49
N PHE A 232 -8.70 -9.11 -8.73
CA PHE A 232 -9.80 -9.18 -9.69
C PHE A 232 -10.92 -8.22 -9.30
N ALA A 233 -11.23 -8.14 -8.01
CA ALA A 233 -12.32 -7.29 -7.56
C ALA A 233 -12.08 -5.83 -7.93
N GLU A 234 -10.92 -5.28 -7.56
CA GLU A 234 -10.69 -3.88 -7.86
C GLU A 234 -10.46 -3.63 -9.35
N GLY A 235 -9.96 -4.63 -10.09
CA GLY A 235 -9.89 -4.49 -11.53
C GLY A 235 -11.25 -4.34 -12.17
N PHE A 236 -12.17 -5.25 -11.84
CA PHE A 236 -13.52 -5.13 -12.36
C PHE A 236 -14.21 -3.88 -11.84
N ASP A 237 -13.82 -3.39 -10.66
CA ASP A 237 -14.39 -2.15 -10.15
C ASP A 237 -13.97 -0.96 -11.01
N ILE A 238 -12.67 -0.87 -11.34
CA ILE A 238 -12.21 0.17 -12.26
C ILE A 238 -12.95 0.07 -13.59
N MET A 239 -13.05 -1.13 -14.14
CA MET A 239 -13.74 -1.31 -15.42
C MET A 239 -15.19 -0.83 -15.34
N LYS A 240 -15.91 -1.28 -14.32
CA LYS A 240 -17.31 -0.92 -14.19
C LYS A 240 -17.49 0.59 -13.99
N SER A 241 -16.57 1.22 -13.25
CA SER A 241 -16.67 2.64 -12.96
C SER A 241 -16.18 3.51 -14.11
N LYS A 242 -15.59 2.91 -15.15
CA LYS A 242 -15.34 3.70 -16.35
C LYS A 242 -16.63 4.27 -16.95
N ASN A 243 -17.80 3.73 -16.58
CA ASN A 243 -19.08 4.28 -17.00
C ASN A 243 -19.82 4.95 -15.85
N SER A 244 -19.11 5.41 -14.83
CA SER A 244 -19.74 6.03 -13.68
C SER A 244 -20.23 7.43 -14.03
N PRO A 245 -21.33 7.89 -13.41
CA PRO A 245 -21.78 9.27 -13.62
C PRO A 245 -20.79 10.31 -13.12
N ILE A 246 -19.77 9.90 -12.34
CA ILE A 246 -18.78 10.84 -11.83
C ILE A 246 -17.84 11.35 -12.92
N LEU A 247 -17.88 10.77 -14.10
CA LEU A 247 -17.05 11.17 -15.23
C LEU A 247 -17.89 11.90 -16.27
N ALA A 248 -17.22 12.73 -17.07
CA ALA A 248 -17.89 13.41 -18.16
C ALA A 248 -18.28 12.43 -19.25
N GLU A 249 -19.30 12.80 -20.04
CA GLU A 249 -19.78 11.94 -21.10
C GLU A 249 -18.68 11.63 -22.12
N LYS A 250 -17.74 12.55 -22.30
CA LYS A 250 -16.64 12.36 -23.25
C LYS A 250 -15.57 11.41 -22.74
N ASP A 251 -15.64 10.99 -21.47
CA ASP A 251 -14.61 10.16 -20.87
C ASP A 251 -15.20 8.87 -20.27
N ARG A 252 -16.25 8.35 -20.88
CA ARG A 252 -16.95 7.17 -20.37
C ARG A 252 -16.85 6.02 -21.37
N PHE A 253 -16.66 4.81 -20.83
CA PHE A 253 -16.79 3.58 -21.58
C PHE A 253 -17.77 2.68 -20.84
N GLU A 254 -18.84 2.26 -21.51
CA GLU A 254 -19.76 1.28 -20.93
C GLU A 254 -19.29 -0.10 -21.35
N LEU A 255 -18.40 -0.67 -20.56
CA LEU A 255 -17.81 -1.97 -20.85
C LEU A 255 -18.69 -3.09 -20.31
N ASN A 256 -18.65 -4.22 -21.00
CA ASN A 256 -19.42 -5.40 -20.61
C ASN A 256 -18.53 -6.30 -19.76
N MET A 257 -18.85 -6.39 -18.45
CA MET A 257 -18.00 -7.14 -17.54
C MET A 257 -17.96 -8.62 -17.89
N GLY A 258 -19.11 -9.20 -18.22
CA GLY A 258 -19.15 -10.60 -18.56
C GLY A 258 -18.34 -10.94 -19.80
N ASP A 259 -18.45 -10.10 -20.83
CA ASP A 259 -17.69 -10.33 -22.06
C ASP A 259 -16.19 -10.21 -21.81
N ILE A 260 -15.77 -9.26 -20.97
CA ILE A 260 -14.36 -9.11 -20.66
C ILE A 260 -13.85 -10.32 -19.89
N ALA A 261 -14.62 -10.75 -18.88
CA ALA A 261 -14.22 -11.93 -18.11
C ALA A 261 -14.14 -13.16 -19.02
N GLU A 262 -15.05 -13.26 -20.00
CA GLU A 262 -15.04 -14.41 -20.90
C GLU A 262 -13.83 -14.37 -21.82
N VAL A 263 -13.58 -13.22 -22.46
CA VAL A 263 -12.48 -13.13 -23.40
C VAL A 263 -11.14 -13.31 -22.68
N TRP A 264 -11.10 -12.99 -21.39
CA TRP A 264 -9.86 -13.19 -20.63
C TRP A 264 -9.56 -14.66 -20.38
N ARG A 265 -10.55 -15.54 -20.50
CA ARG A 265 -10.33 -16.95 -20.21
C ARG A 265 -9.51 -17.64 -21.30
N ARG A 266 -9.45 -17.08 -22.50
CA ARG A 266 -8.84 -17.73 -23.65
C ARG A 266 -7.46 -17.14 -23.88
N GLY A 267 -6.45 -17.74 -23.26
CA GLY A 267 -5.07 -17.42 -23.57
C GLY A 267 -4.59 -16.06 -23.09
N SER A 268 -5.17 -15.53 -22.03
CA SER A 268 -4.67 -14.30 -21.42
C SER A 268 -3.87 -14.65 -20.18
N VAL A 269 -3.18 -13.64 -19.64
CA VAL A 269 -2.35 -13.86 -18.47
C VAL A 269 -3.17 -14.00 -17.20
N VAL A 270 -4.39 -13.45 -17.17
CA VAL A 270 -5.21 -13.46 -15.97
C VAL A 270 -6.16 -14.65 -15.96
N SER A 271 -6.00 -15.56 -16.94
CA SER A 271 -6.82 -16.75 -16.98
C SER A 271 -6.54 -17.62 -15.76
N SER A 272 -7.60 -17.94 -15.02
CA SER A 272 -7.45 -18.67 -13.76
C SER A 272 -8.80 -19.28 -13.38
N TRP A 273 -8.76 -20.12 -12.35
CA TRP A 273 -10.01 -20.67 -11.81
C TRP A 273 -10.83 -19.57 -11.14
N LEU A 274 -10.17 -18.62 -10.48
CA LEU A 274 -10.89 -17.47 -9.94
C LEU A 274 -11.57 -16.69 -11.05
N LEU A 275 -10.93 -16.58 -12.21
CA LEU A 275 -11.56 -15.90 -13.34
C LEU A 275 -12.76 -16.68 -13.85
N ASP A 276 -12.69 -18.02 -13.83
CA ASP A 276 -13.84 -18.83 -14.22
C ASP A 276 -15.01 -18.61 -13.27
N LEU A 277 -14.73 -18.61 -11.96
CA LEU A 277 -15.78 -18.32 -10.99
C LEU A 277 -16.35 -16.92 -11.20
N THR A 278 -15.47 -15.95 -11.48
CA THR A 278 -15.93 -14.58 -11.71
C THR A 278 -16.83 -14.48 -12.94
N ALA A 279 -16.46 -15.18 -14.01
CA ALA A 279 -17.28 -15.16 -15.22
C ALA A 279 -18.62 -15.84 -14.99
N GLU A 280 -18.62 -16.97 -14.28
CA GLU A 280 -19.88 -17.65 -13.98
C GLU A 280 -20.76 -16.81 -13.06
N ALA A 281 -20.16 -16.02 -12.18
CA ALA A 281 -20.93 -15.15 -11.30
C ALA A 281 -21.49 -13.96 -12.06
N LEU A 282 -20.71 -13.40 -13.00
CA LEU A 282 -21.15 -12.24 -13.76
C LEU A 282 -22.27 -12.59 -14.75
N THR A 283 -22.44 -13.88 -15.06
CA THR A 283 -23.56 -14.30 -15.91
C THR A 283 -24.87 -14.36 -15.14
N ARG A 284 -24.84 -14.31 -13.81
CA ARG A 284 -26.05 -14.21 -13.01
C ARG A 284 -26.40 -12.77 -12.66
N SER A 285 -25.42 -11.87 -12.65
CA SER A 285 -25.66 -10.46 -12.38
C SER A 285 -24.45 -9.68 -12.85
N GLU A 286 -24.68 -8.61 -13.61
CA GLU A 286 -23.60 -7.81 -14.17
C GLU A 286 -23.62 -6.39 -13.64
N SER A 298 -12.60 -17.22 6.59
CA SER A 298 -11.72 -16.37 5.80
C SER A 298 -10.53 -15.88 6.64
N GLY A 299 -10.29 -16.55 7.77
CA GLY A 299 -9.25 -16.16 8.68
C GLY A 299 -7.87 -16.74 8.41
N GLU A 300 -7.65 -17.33 7.23
CA GLU A 300 -6.34 -17.89 6.92
C GLU A 300 -5.35 -16.81 6.48
N GLY A 301 -5.83 -15.76 5.81
CA GLY A 301 -4.94 -14.71 5.38
C GLY A 301 -4.30 -13.93 6.52
N ARG A 302 -5.05 -13.77 7.62
CA ARG A 302 -4.48 -13.11 8.79
C ARG A 302 -3.31 -13.92 9.35
N TRP A 303 -3.48 -15.23 9.46
CA TRP A 303 -2.38 -16.06 9.96
C TRP A 303 -1.23 -16.13 8.94
N THR A 304 -1.53 -15.98 7.65
CA THR A 304 -0.45 -15.91 6.68
C THR A 304 0.36 -14.62 6.85
N ILE A 305 -0.31 -13.50 7.10
CA ILE A 305 0.38 -12.26 7.39
C ILE A 305 1.19 -12.40 8.68
N GLU A 306 0.63 -13.09 9.67
CA GLU A 306 1.36 -13.32 10.92
C GLU A 306 2.61 -14.16 10.67
N ALA A 307 2.52 -15.15 9.79
CA ALA A 307 3.69 -15.95 9.44
C ALA A 307 4.73 -15.10 8.72
N ALA A 308 4.28 -14.21 7.83
CA ALA A 308 5.21 -13.30 7.17
C ALA A 308 5.92 -12.42 8.18
N ILE A 309 5.19 -11.96 9.20
CA ILE A 309 5.81 -11.15 10.26
C ILE A 309 6.80 -11.98 11.05
N GLU A 310 6.47 -13.25 11.31
CA GLU A 310 7.38 -14.12 12.06
C GLU A 310 8.64 -14.41 11.26
N GLU A 311 8.58 -14.35 9.94
CA GLU A 311 9.71 -14.67 9.08
C GLU A 311 10.35 -13.43 8.46
N ASP A 312 9.94 -12.24 8.89
CA ASP A 312 10.50 -10.99 8.39
C ASP A 312 10.36 -10.88 6.87
N VAL A 313 9.19 -11.25 6.36
CA VAL A 313 8.91 -11.28 4.93
C VAL A 313 7.90 -10.19 4.62
N PRO A 314 8.17 -9.32 3.65
CA PRO A 314 7.16 -8.33 3.24
C PRO A 314 6.04 -8.98 2.45
N ALA A 315 4.81 -8.59 2.78
CA ALA A 315 3.62 -9.06 2.07
C ALA A 315 2.70 -7.89 1.80
N PRO A 316 3.10 -6.98 0.91
CA PRO A 316 2.28 -5.76 0.68
C PRO A 316 0.89 -6.06 0.12
N VAL A 317 0.82 -6.90 -0.91
CA VAL A 317 -0.47 -7.21 -1.54
C VAL A 317 -1.38 -7.90 -0.55
N MET A 318 -0.87 -8.90 0.17
CA MET A 318 -1.70 -9.63 1.12
C MET A 318 -2.09 -8.76 2.31
N THR A 319 -1.18 -7.88 2.75
CA THR A 319 -1.51 -6.96 3.84
C THR A 319 -2.62 -5.99 3.42
N ALA A 320 -2.54 -5.47 2.20
CA ALA A 320 -3.61 -4.59 1.71
C ALA A 320 -4.92 -5.34 1.56
N ALA A 321 -4.87 -6.58 1.06
CA ALA A 321 -6.08 -7.38 0.93
C ALA A 321 -6.70 -7.66 2.30
N LEU A 322 -5.88 -7.85 3.32
CA LEU A 322 -6.41 -8.04 4.67
C LEU A 322 -7.02 -6.76 5.20
N PHE A 323 -6.33 -5.63 5.01
CA PHE A 323 -6.85 -4.36 5.50
C PHE A 323 -8.16 -3.98 4.83
N THR A 324 -8.36 -4.43 3.59
CA THR A 324 -9.65 -4.20 2.94
C THR A 324 -10.78 -4.91 3.69
N ARG A 325 -10.47 -5.98 4.41
CA ARG A 325 -11.48 -6.68 5.20
C ARG A 325 -11.70 -6.04 6.56
N PHE A 326 -10.77 -5.21 7.03
CA PHE A 326 -10.96 -4.45 8.25
C PHE A 326 -11.72 -3.16 7.97
N ARG A 327 -12.40 -2.66 9.00
CA ARG A 327 -13.08 -1.37 8.93
C ARG A 327 -12.65 -0.53 10.12
N SER A 328 -12.22 0.70 9.84
CA SER A 328 -11.77 1.62 10.87
C SER A 328 -12.86 2.64 11.12
N ARG A 329 -13.51 2.54 12.28
CA ARG A 329 -14.51 3.54 12.66
C ARG A 329 -13.86 4.89 12.92
N SER A 330 -12.66 4.89 13.50
CA SER A 330 -12.00 6.12 13.88
C SER A 330 -10.87 6.54 12.93
N GLY A 331 -10.36 5.60 12.12
CA GLY A 331 -9.15 5.89 11.35
C GLY A 331 -9.30 7.04 10.37
N ASN A 332 -10.48 7.22 9.80
CA ASN A 332 -10.71 8.27 8.82
C ASN A 332 -11.40 9.49 9.40
N ASN A 333 -12.41 9.29 10.26
CA ASN A 333 -13.11 10.43 10.82
C ASN A 333 -12.22 11.22 11.77
N PHE A 334 -11.21 10.58 12.37
CA PHE A 334 -10.28 11.33 13.21
C PHE A 334 -9.46 12.31 12.38
N ALA A 335 -8.92 11.84 11.25
CA ALA A 335 -8.17 12.73 10.37
C ALA A 335 -9.06 13.84 9.83
N GLU A 336 -10.32 13.51 9.49
CA GLU A 336 -11.22 14.53 8.99
C GLU A 336 -11.56 15.56 10.08
N LYS A 337 -11.70 15.10 11.33
CA LYS A 337 -11.92 16.03 12.44
C LYS A 337 -10.71 16.95 12.63
N ILE A 338 -9.50 16.38 12.53
CA ILE A 338 -8.31 17.19 12.69
C ILE A 338 -8.21 18.23 11.58
N LEU A 339 -8.60 17.86 10.36
CA LEU A 339 -8.59 18.82 9.26
C LEU A 339 -9.64 19.91 9.44
N SER A 340 -10.83 19.52 9.90
CA SER A 340 -11.87 20.50 10.18
C SER A 340 -11.43 21.49 11.26
N ALA A 341 -10.72 20.99 12.28
CA ALA A 341 -10.18 21.87 13.30
C ALA A 341 -9.04 22.73 12.75
N GLN A 342 -8.28 22.21 11.79
CA GLN A 342 -7.21 22.98 11.18
C GLN A 342 -7.76 24.18 10.42
N ARG A 343 -8.82 23.96 9.64
CA ARG A 343 -9.34 25.01 8.78
C ARG A 343 -10.50 25.78 9.40
N PHE A 344 -10.96 25.41 10.60
CA PHE A 344 -12.06 26.11 11.24
C PHE A 344 -11.84 26.44 12.71
N GLY A 345 -10.93 25.75 13.40
CA GLY A 345 -10.62 26.06 14.78
C GLY A 345 -11.57 25.40 15.78
N PHE A 346 -11.24 25.58 17.05
CA PHE A 346 -12.03 25.03 18.15
C PHE A 346 -12.89 26.16 18.75
N GLY A 347 -14.17 26.15 18.41
CA GLY A 347 -15.09 27.14 18.96
C GLY A 347 -15.38 26.93 20.44
N GLY A 348 -16.07 25.85 20.75
CA GLY A 348 -16.41 25.53 22.13
C GLY A 348 -17.83 25.03 22.30
N GLN B 19 19.20 18.74 49.54
CA GLN B 19 18.84 18.09 48.29
C GLN B 19 19.39 16.67 48.23
N GLY B 20 18.73 15.83 47.43
CA GLY B 20 19.14 14.45 47.25
C GLY B 20 19.41 14.14 45.79
N HIS B 21 20.38 13.25 45.56
CA HIS B 21 20.72 12.80 44.22
C HIS B 21 20.66 11.28 44.19
N MET B 22 20.48 10.74 42.99
CA MET B 22 20.30 9.32 42.81
C MET B 22 21.45 8.72 42.01
N ARG B 23 21.60 7.40 42.12
CA ARG B 23 22.69 6.67 41.49
C ARG B 23 22.12 5.66 40.51
N ILE B 24 22.63 5.67 39.28
CA ILE B 24 22.12 4.82 38.20
C ILE B 24 23.31 4.13 37.54
N GLY B 25 23.16 2.82 37.29
CA GLY B 25 24.07 2.13 36.41
C GLY B 25 23.58 2.23 34.99
N ILE B 26 24.51 2.25 34.03
CA ILE B 26 24.15 2.40 32.63
C ILE B 26 24.96 1.41 31.80
N ILE B 27 24.26 0.53 31.08
CA ILE B 27 24.88 -0.48 30.23
C ILE B 27 24.55 -0.13 28.79
N GLY B 28 25.59 0.01 27.96
CA GLY B 28 25.41 0.45 26.60
C GLY B 28 25.60 1.95 26.48
N LEU B 29 26.80 2.36 26.06
CA LEU B 29 27.17 3.77 26.08
C LEU B 29 27.33 4.33 24.68
N GLY B 30 26.30 4.21 23.85
CA GLY B 30 26.32 4.73 22.51
C GLY B 30 26.09 6.23 22.46
N ARG B 31 25.62 6.70 21.31
CA ARG B 31 25.31 8.11 21.15
C ARG B 31 24.07 8.53 21.92
N MET B 32 23.35 7.60 22.53
CA MET B 32 22.25 7.89 23.42
C MET B 32 22.53 7.52 24.87
N GLY B 33 23.13 6.36 25.11
CA GLY B 33 23.46 5.97 26.48
C GLY B 33 24.51 6.87 27.09
N GLY B 34 25.56 7.16 26.34
CA GLY B 34 26.60 8.06 26.84
C GLY B 34 26.06 9.45 27.11
N ASN B 35 25.22 9.97 26.22
CA ASN B 35 24.63 11.28 26.45
C ASN B 35 23.63 11.26 27.60
N ILE B 36 22.91 10.14 27.78
CA ILE B 36 22.06 10.00 28.95
C ILE B 36 22.89 10.07 30.23
N ALA B 37 24.04 9.39 30.25
CA ALA B 37 24.91 9.44 31.41
C ALA B 37 25.43 10.85 31.66
N VAL B 38 25.87 11.52 30.60
CA VAL B 38 26.40 12.87 30.74
C VAL B 38 25.34 13.82 31.27
N ARG B 39 24.12 13.71 30.76
CA ARG B 39 23.04 14.60 31.22
C ARG B 39 22.63 14.29 32.65
N LEU B 40 22.63 13.00 33.03
CA LEU B 40 22.36 12.64 34.41
C LEU B 40 23.40 13.23 35.35
N THR B 41 24.68 13.19 34.94
CA THR B 41 25.72 13.78 35.78
C THR B 41 25.61 15.30 35.82
N ARG B 42 25.14 15.92 34.73
CA ARG B 42 24.97 17.37 34.71
C ARG B 42 23.82 17.82 35.60
N HIS B 43 22.92 16.92 35.98
CA HIS B 43 21.82 17.23 36.89
C HIS B 43 22.11 16.78 38.32
N GLY B 44 23.36 16.43 38.63
CA GLY B 44 23.78 16.13 39.98
C GLY B 44 23.76 14.67 40.36
N HIS B 45 23.27 13.78 39.50
CA HIS B 45 23.16 12.38 39.82
C HIS B 45 24.48 11.65 39.53
N ASP B 46 24.66 10.52 40.20
CA ASP B 46 25.83 9.67 40.03
C ASP B 46 25.50 8.54 39.06
N VAL B 47 26.46 8.20 38.20
CA VAL B 47 26.29 7.12 37.24
C VAL B 47 27.45 6.14 37.35
N VAL B 48 27.15 4.87 37.12
CA VAL B 48 28.15 3.82 36.99
C VAL B 48 28.02 3.27 35.57
N VAL B 49 28.97 3.62 34.71
CA VAL B 49 28.84 3.36 33.28
C VAL B 49 29.70 2.15 32.90
N HIS B 50 29.30 1.49 31.83
CA HIS B 50 30.03 0.36 31.28
C HIS B 50 29.56 0.08 29.87
N ASP B 51 30.51 -0.16 28.97
CA ASP B 51 30.21 -0.56 27.60
C ASP B 51 31.18 -1.67 27.21
N ARG B 52 30.87 -2.31 26.08
CA ARG B 52 31.72 -3.40 25.59
C ARG B 52 33.14 -2.93 25.32
N THR B 53 33.28 -1.77 24.70
CA THR B 53 34.59 -1.17 24.45
C THR B 53 34.93 -0.22 25.59
N SER B 54 36.04 -0.49 26.28
CA SER B 54 36.45 0.37 27.39
C SER B 54 36.81 1.78 26.93
N GLU B 55 37.13 1.96 25.65
CA GLU B 55 37.48 3.28 25.15
C GLU B 55 36.32 4.25 25.36
N VAL B 56 35.11 3.88 24.91
CA VAL B 56 33.97 4.77 25.05
C VAL B 56 33.54 4.89 26.50
N THR B 57 33.79 3.86 27.32
CA THR B 57 33.49 3.96 28.74
C THR B 57 34.33 5.05 29.40
N THR B 58 35.65 5.00 29.19
CA THR B 58 36.51 6.05 29.71
C THR B 58 36.19 7.39 29.07
N SER B 59 35.74 7.39 27.81
CA SER B 59 35.36 8.63 27.14
C SER B 59 34.20 9.30 27.86
N VAL B 60 33.13 8.54 28.14
CA VAL B 60 31.98 9.14 28.81
C VAL B 60 32.32 9.48 30.26
N VAL B 61 33.23 8.72 30.88
CA VAL B 61 33.68 9.09 32.22
C VAL B 61 34.36 10.45 32.19
N GLY B 62 35.18 10.69 31.15
CA GLY B 62 35.82 11.99 31.01
C GLY B 62 34.85 13.09 30.61
N ARG B 63 33.76 12.73 29.94
CA ARG B 63 32.78 13.72 29.49
C ARG B 63 31.81 14.14 30.59
N CYS B 64 31.65 13.33 31.63
CA CYS B 64 30.70 13.66 32.68
C CYS B 64 31.30 14.67 33.66
N GLU B 65 30.45 15.18 34.55
CA GLU B 65 30.90 16.09 35.59
C GLU B 65 31.89 15.38 36.52
N ALA B 66 32.79 16.16 37.10
CA ALA B 66 33.85 15.60 37.92
C ALA B 66 33.28 14.89 39.14
N GLY B 67 33.75 13.66 39.37
CA GLY B 67 33.33 12.89 40.52
C GLY B 67 31.92 12.34 40.47
N ARG B 68 31.28 12.34 39.29
CA ARG B 68 29.91 11.88 39.16
C ARG B 68 29.78 10.62 38.31
N ALA B 69 30.81 10.22 37.59
CA ALA B 69 30.77 9.05 36.73
C ALA B 69 31.87 8.07 37.14
N THR B 70 31.48 6.82 37.38
CA THR B 70 32.41 5.78 37.75
C THR B 70 32.42 4.69 36.67
N PRO B 71 33.59 4.31 36.16
CA PRO B 71 33.64 3.24 35.16
C PRO B 71 33.53 1.87 35.81
N ALA B 72 32.81 0.98 35.13
CA ALA B 72 32.69 -0.42 35.52
C ALA B 72 33.22 -1.30 34.40
N ASP B 73 34.00 -2.31 34.76
CA ASP B 73 34.59 -3.20 33.77
C ASP B 73 33.68 -4.36 33.41
N THR B 74 32.92 -4.88 34.37
CA THR B 74 31.98 -5.97 34.14
C THR B 74 30.64 -5.62 34.78
N LEU B 75 29.63 -6.43 34.47
CA LEU B 75 28.32 -6.22 35.08
C LEU B 75 28.35 -6.55 36.56
N ALA B 76 29.20 -7.51 36.97
CA ALA B 76 29.41 -7.75 38.39
C ALA B 76 30.03 -6.54 39.06
N ASP B 77 30.94 -5.86 38.36
CA ASP B 77 31.52 -4.63 38.90
C ASP B 77 30.44 -3.56 39.08
N MET B 78 29.51 -3.46 38.13
CA MET B 78 28.44 -2.48 38.26
C MET B 78 27.49 -2.83 39.40
N ALA B 79 27.17 -4.12 39.55
CA ALA B 79 26.34 -4.54 40.67
C ALA B 79 27.02 -4.26 42.01
N LYS B 80 28.35 -4.40 42.05
CA LYS B 80 29.10 -4.11 43.27
C LYS B 80 29.18 -2.60 43.52
N LEU B 81 29.25 -1.80 42.47
CA LEU B 81 29.38 -0.35 42.61
C LEU B 81 28.05 0.34 42.84
N LEU B 82 26.93 -0.34 42.63
CA LEU B 82 25.62 0.25 42.90
C LEU B 82 25.11 -0.07 44.30
N GLU B 83 25.87 -0.82 45.09
CA GLU B 83 25.41 -1.23 46.41
C GLU B 83 25.22 -0.02 47.32
N GLY B 84 24.32 -0.17 48.28
CA GLY B 84 23.97 0.91 49.17
C GLY B 84 22.57 0.68 49.70
N ASP B 85 22.06 1.71 50.38
CA ASP B 85 20.74 1.61 51.00
C ASP B 85 19.64 1.61 49.94
N GLU B 86 19.57 2.68 49.13
CA GLU B 86 18.48 2.83 48.18
C GLU B 86 18.59 1.77 47.07
N HIS B 87 17.50 1.65 46.32
CA HIS B 87 17.41 0.63 45.28
C HIS B 87 18.42 0.87 44.18
N ARG B 88 18.91 -0.22 43.59
CA ARG B 88 19.89 -0.16 42.51
C ARG B 88 19.14 -0.17 41.19
N VAL B 89 19.24 0.92 40.43
CA VAL B 89 18.57 1.07 39.14
C VAL B 89 19.61 0.93 38.04
N VAL B 90 19.30 0.11 37.04
CA VAL B 90 20.23 -0.17 35.95
C VAL B 90 19.50 0.09 34.63
N TRP B 91 19.95 1.11 33.90
CA TRP B 91 19.39 1.48 32.61
C TRP B 91 20.20 0.79 31.52
N VAL B 92 19.53 -0.03 30.70
CA VAL B 92 20.16 -0.83 29.67
C VAL B 92 19.80 -0.25 28.31
N MET B 93 20.82 0.19 27.57
CA MET B 93 20.65 0.69 26.21
C MET B 93 21.61 -0.09 25.29
N LEU B 94 21.27 -1.34 25.03
CA LEU B 94 22.03 -2.25 24.20
C LEU B 94 21.30 -2.55 22.90
N PRO B 95 21.99 -3.09 21.90
CA PRO B 95 21.29 -3.51 20.68
C PRO B 95 20.14 -4.45 20.98
N ALA B 96 18.97 -4.13 20.43
CA ALA B 96 17.77 -4.93 20.68
C ALA B 96 17.91 -6.31 20.09
N GLY B 97 17.51 -7.32 20.86
CA GLY B 97 17.59 -8.70 20.42
C GLY B 97 18.18 -9.64 21.45
N ALA B 98 19.25 -10.33 21.08
CA ALA B 98 19.87 -11.29 21.99
C ALA B 98 20.71 -10.60 23.05
N ILE B 99 21.40 -9.50 22.68
CA ILE B 99 22.25 -8.80 23.63
C ILE B 99 21.43 -8.28 24.80
N THR B 100 20.30 -7.62 24.51
CA THR B 100 19.48 -7.06 25.57
C THR B 100 18.87 -8.14 26.45
N GLU B 101 18.42 -9.24 25.84
CA GLU B 101 17.85 -10.34 26.62
C GLU B 101 18.89 -10.95 27.55
N ASP B 102 20.09 -11.21 27.02
CA ASP B 102 21.16 -11.77 27.83
C ASP B 102 21.53 -10.84 28.98
N CYS B 103 21.63 -9.54 28.69
CA CYS B 103 21.98 -8.58 29.74
C CYS B 103 20.90 -8.50 30.80
N VAL B 104 19.63 -8.52 30.40
CA VAL B 104 18.54 -8.44 31.37
C VAL B 104 18.50 -9.69 32.24
N GLN B 105 18.73 -10.86 31.65
CA GLN B 105 18.77 -12.08 32.45
C GLN B 105 19.94 -12.07 33.42
N GLN B 106 21.11 -11.62 32.96
CA GLN B 106 22.28 -11.55 33.84
C GLN B 106 22.05 -10.55 34.97
N LEU B 107 21.37 -9.44 34.69
CA LEU B 107 21.08 -8.47 35.73
C LEU B 107 20.05 -9.01 36.72
N GLY B 108 19.03 -9.71 36.22
CA GLY B 108 18.10 -10.39 37.11
C GLY B 108 18.80 -11.39 38.00
N GLY B 109 19.89 -11.99 37.51
CA GLY B 109 20.69 -12.84 38.36
C GLY B 109 21.52 -12.08 39.38
N LEU B 110 22.03 -10.91 38.99
CA LEU B 110 22.93 -10.12 39.83
C LEU B 110 22.19 -9.21 40.81
N LEU B 111 21.11 -8.55 40.38
CA LEU B 111 20.44 -7.59 41.23
C LEU B 111 19.61 -8.29 42.30
N GLY B 112 19.16 -7.50 43.28
CA GLY B 112 18.43 -8.00 44.42
C GLY B 112 16.93 -7.75 44.32
N ARG B 113 16.26 -7.84 45.48
CA ARG B 113 14.81 -7.72 45.54
C ARG B 113 14.32 -6.37 45.06
N GLY B 114 14.63 -5.31 45.81
CA GLY B 114 14.09 -4.00 45.47
C GLY B 114 14.69 -3.33 44.25
N ASP B 115 15.66 -3.96 43.59
CA ASP B 115 16.36 -3.31 42.49
C ASP B 115 15.45 -3.14 41.27
N ILE B 116 15.89 -2.26 40.36
CA ILE B 116 15.08 -1.84 39.23
C ILE B 116 15.90 -2.00 37.95
N ILE B 117 15.29 -2.58 36.92
CA ILE B 117 15.91 -2.76 35.62
C ILE B 117 15.11 -1.95 34.61
N ILE B 118 15.71 -0.88 34.09
CA ILE B 118 15.13 -0.06 33.04
C ILE B 118 15.72 -0.50 31.71
N ASP B 119 14.86 -0.60 30.69
CA ASP B 119 15.27 -1.03 29.35
C ASP B 119 14.91 0.07 28.36
N GLY B 120 15.92 0.77 27.84
CA GLY B 120 15.73 1.85 26.91
C GLY B 120 15.93 1.51 25.45
N GLY B 121 16.24 0.25 25.13
CA GLY B 121 16.46 -0.15 23.75
C GLY B 121 15.17 -0.26 22.96
N ASN B 122 15.33 -0.69 21.69
CA ASN B 122 14.20 -0.85 20.79
C ASN B 122 13.65 -2.29 20.88
N THR B 123 13.25 -2.65 22.10
CA THR B 123 12.82 -4.00 22.39
C THR B 123 11.36 -4.21 22.01
N TYR B 124 11.04 -5.42 21.57
CA TYR B 124 9.65 -5.81 21.36
C TYR B 124 8.89 -5.70 22.68
N TYR B 125 7.70 -5.09 22.63
CA TYR B 125 6.98 -4.82 23.87
C TYR B 125 6.50 -6.11 24.53
N LYS B 126 6.21 -7.15 23.76
CA LYS B 126 5.86 -8.44 24.35
C LYS B 126 7.04 -9.00 25.12
N ASP B 127 8.26 -8.80 24.63
CA ASP B 127 9.44 -9.17 25.40
C ASP B 127 9.52 -8.40 26.70
N ASP B 128 9.09 -7.12 26.70
CA ASP B 128 9.08 -6.35 27.93
C ASP B 128 8.07 -6.91 28.92
N VAL B 129 6.89 -7.28 28.45
CA VAL B 129 5.89 -7.90 29.33
C VAL B 129 6.44 -9.19 29.92
N ARG B 130 7.08 -10.02 29.08
CA ARG B 130 7.63 -11.28 29.56
C ARG B 130 8.73 -11.05 30.58
N ARG B 131 9.62 -10.09 30.33
CA ARG B 131 10.70 -9.81 31.27
C ARG B 131 10.16 -9.28 32.59
N SER B 132 9.12 -8.44 32.54
CA SER B 132 8.52 -7.95 33.78
C SER B 132 7.92 -9.10 34.58
N ALA B 133 7.22 -10.02 33.89
CA ALA B 133 6.65 -11.17 34.58
C ALA B 133 7.75 -12.04 35.18
N GLU B 134 8.86 -12.20 34.47
CA GLU B 134 9.94 -13.05 34.96
C GLU B 134 10.65 -12.41 36.15
N LEU B 135 10.81 -11.09 36.13
CA LEU B 135 11.53 -10.40 37.20
C LEU B 135 10.68 -10.14 38.42
N ALA B 136 9.35 -10.08 38.27
CA ALA B 136 8.49 -9.91 39.44
C ALA B 136 8.61 -11.08 40.40
N GLU B 137 8.89 -12.29 39.88
CA GLU B 137 9.12 -13.43 40.75
C GLU B 137 10.35 -13.22 41.62
N LYS B 138 11.44 -12.74 41.03
CA LYS B 138 12.64 -12.42 41.78
C LYS B 138 12.51 -11.10 42.55
N GLY B 139 11.34 -10.47 42.54
CA GLY B 139 11.14 -9.20 43.19
C GLY B 139 11.63 -7.99 42.44
N ILE B 140 12.39 -8.18 41.36
CA ILE B 140 12.98 -7.07 40.63
C ILE B 140 11.91 -6.36 39.81
N SER B 141 11.81 -5.05 39.97
CA SER B 141 10.91 -4.26 39.16
C SER B 141 11.52 -3.99 37.79
N TYR B 142 10.69 -4.07 36.75
CA TYR B 142 11.13 -3.89 35.37
C TYR B 142 10.37 -2.74 34.74
N VAL B 143 11.10 -1.82 34.13
CA VAL B 143 10.53 -0.65 33.48
C VAL B 143 11.01 -0.63 32.03
N ASP B 144 10.09 -0.38 31.10
CA ASP B 144 10.45 -0.24 29.69
C ASP B 144 10.32 1.22 29.29
N VAL B 145 11.34 1.75 28.63
CA VAL B 145 11.40 3.17 28.28
C VAL B 145 11.67 3.29 26.79
N GLY B 146 10.79 3.99 26.09
CA GLY B 146 11.06 4.45 24.74
C GLY B 146 11.57 5.88 24.81
N THR B 147 12.78 6.08 24.30
CA THR B 147 13.48 7.35 24.39
C THR B 147 13.57 7.97 23.00
N SER B 148 13.01 9.16 22.84
CA SER B 148 13.01 9.88 21.58
C SER B 148 13.73 11.20 21.75
N GLY B 149 14.49 11.58 20.72
CA GLY B 149 15.27 12.80 20.77
C GLY B 149 16.61 12.66 20.07
N GLY B 150 17.18 11.46 20.13
CA GLY B 150 18.45 11.19 19.50
C GLY B 150 19.63 11.93 20.09
N VAL B 151 20.30 12.72 19.26
CA VAL B 151 21.48 13.44 19.71
C VAL B 151 21.09 14.72 20.45
N TRP B 152 20.00 15.39 20.04
CA TRP B 152 19.60 16.63 20.69
C TRP B 152 19.12 16.42 22.11
N GLY B 153 18.75 15.19 22.48
CA GLY B 153 18.26 14.95 23.83
C GLY B 153 19.25 15.31 24.92
N LEU B 154 20.55 15.25 24.60
CA LEU B 154 21.56 15.65 25.57
C LEU B 154 21.45 17.14 25.89
N GLU B 155 21.10 17.95 24.90
CA GLU B 155 20.97 19.39 25.09
C GLU B 155 19.53 19.86 25.23
N ARG B 156 18.57 19.10 24.68
CA ARG B 156 17.17 19.52 24.67
C ARG B 156 16.25 18.57 25.42
N GLY B 157 16.79 17.57 26.12
CA GLY B 157 15.96 16.65 26.87
C GLY B 157 15.38 15.54 26.03
N TYR B 158 15.06 14.41 26.66
CA TYR B 158 14.57 13.22 25.98
C TYR B 158 13.08 13.05 26.25
N CYS B 159 12.31 12.86 25.18
CA CYS B 159 10.90 12.49 25.29
C CYS B 159 10.82 11.01 25.63
N MET B 160 10.39 10.69 26.85
CA MET B 160 10.45 9.33 27.36
C MET B 160 9.04 8.82 27.64
N MET B 161 8.70 7.69 27.05
CA MET B 161 7.43 7.01 27.28
C MET B 161 7.75 5.69 27.96
N PHE B 162 7.40 5.56 29.24
CA PHE B 162 7.82 4.40 30.00
C PHE B 162 6.62 3.68 30.62
N GLY B 163 6.85 2.41 30.89
CA GLY B 163 5.84 1.57 31.51
C GLY B 163 6.44 0.78 32.65
N GLY B 164 5.68 0.65 33.72
CA GLY B 164 6.11 -0.04 34.92
C GLY B 164 5.08 0.13 36.02
N THR B 165 5.45 -0.30 37.22
CA THR B 165 4.55 -0.14 38.35
C THR B 165 4.50 1.31 38.80
N LYS B 166 3.37 1.69 39.41
CA LYS B 166 3.21 3.05 39.90
C LYS B 166 4.27 3.38 40.96
N GLU B 167 4.56 2.42 41.84
CA GLU B 167 5.56 2.63 42.88
C GLU B 167 6.93 2.88 42.28
N THR B 168 7.33 2.04 41.31
CA THR B 168 8.62 2.22 40.66
C THR B 168 8.67 3.53 39.87
N ALA B 169 7.55 3.92 39.27
CA ALA B 169 7.51 5.20 38.55
C ALA B 169 7.74 6.37 39.50
N GLU B 170 7.01 6.38 40.63
CA GLU B 170 7.20 7.43 41.62
C GLU B 170 8.61 7.42 42.19
N TYR B 171 9.22 6.22 42.30
CA TYR B 171 10.59 6.16 42.82
C TYR B 171 11.59 6.71 41.81
N ILE B 172 11.45 6.36 40.54
CA ILE B 172 12.42 6.73 39.52
C ILE B 172 12.14 8.11 38.91
N ASP B 173 11.07 8.77 39.34
CA ASP B 173 10.75 10.10 38.84
C ASP B 173 11.91 11.10 38.84
N PRO B 174 12.81 11.14 39.82
CA PRO B 174 13.89 12.14 39.76
C PRO B 174 14.78 12.02 38.52
N ILE B 175 15.25 10.82 38.20
CA ILE B 175 16.17 10.70 37.06
C ILE B 175 15.43 10.91 35.75
N LEU B 176 14.14 10.59 35.70
CA LEU B 176 13.37 10.86 34.48
C LEU B 176 13.12 12.35 34.30
N SER B 177 12.79 13.05 35.38
CA SER B 177 12.64 14.50 35.28
C SER B 177 13.97 15.17 34.96
N ALA B 178 15.09 14.54 35.34
CA ALA B 178 16.38 15.05 34.94
C ALA B 178 16.62 14.82 33.45
N LEU B 179 16.22 13.65 32.93
CA LEU B 179 16.38 13.37 31.51
C LEU B 179 15.27 13.96 30.65
N ALA B 180 14.20 14.47 31.24
CA ALA B 180 13.10 15.04 30.49
C ALA B 180 13.45 16.44 29.98
N PRO B 181 12.80 16.89 28.91
CA PRO B 181 13.05 18.27 28.44
C PRO B 181 12.49 19.33 29.35
N GLY B 182 11.39 19.06 30.05
CA GLY B 182 10.72 20.05 30.86
C GLY B 182 9.60 20.73 30.11
N ILE B 183 9.04 21.76 30.75
CA ILE B 183 8.00 22.56 30.11
C ILE B 183 8.55 23.25 28.86
N GLY B 184 9.78 23.74 28.93
CA GLY B 184 10.51 24.27 27.79
C GLY B 184 9.80 25.39 27.06
N ASP B 185 10.16 25.54 25.78
CA ASP B 185 9.66 26.62 24.95
C ASP B 185 8.29 26.33 24.36
N VAL B 186 7.75 25.14 24.57
CA VAL B 186 6.50 24.74 23.91
C VAL B 186 5.33 25.34 24.69
N PRO B 187 4.37 25.97 24.00
CA PRO B 187 3.18 26.49 24.70
C PRO B 187 2.26 25.36 25.13
N ARG B 188 1.60 25.57 26.26
CA ARG B 188 0.62 24.60 26.74
C ARG B 188 -0.60 24.59 25.83
N THR B 189 -1.07 23.40 25.48
CA THR B 189 -2.27 23.30 24.67
C THR B 189 -3.50 23.56 25.53
N PRO B 190 -4.44 24.39 25.08
CA PRO B 190 -5.65 24.63 25.85
C PRO B 190 -6.45 23.34 26.02
N GLY B 191 -6.94 23.13 27.24
CA GLY B 191 -7.71 21.93 27.56
C GLY B 191 -7.02 20.93 28.45
N ARG B 192 -5.85 21.26 29.02
CA ARG B 192 -5.14 20.38 29.92
C ARG B 192 -5.29 20.81 31.38
N ASP B 193 -6.29 21.62 31.69
CA ASP B 193 -6.45 22.21 33.01
C ASP B 193 -7.47 21.43 33.83
N GLU B 194 -7.13 21.18 35.10
CA GLU B 194 -8.08 20.70 36.10
C GLU B 194 -8.56 19.28 35.85
N ALA B 195 -8.25 18.73 34.68
CA ALA B 195 -8.79 17.43 34.29
C ALA B 195 -7.99 16.29 34.94
N GLY B 196 -8.37 15.06 34.60
CA GLY B 196 -7.71 13.89 35.12
C GLY B 196 -6.61 13.36 34.22
N HIS B 197 -5.67 14.23 33.86
CA HIS B 197 -4.51 13.87 33.05
C HIS B 197 -3.26 13.80 33.90
N ASP B 198 -2.25 13.10 33.38
CA ASP B 198 -0.94 13.06 34.01
C ASP B 198 -0.20 14.33 33.67
N PRO B 199 0.05 15.21 34.64
CA PRO B 199 0.70 16.49 34.32
C PRO B 199 2.14 16.34 33.89
N ARG B 200 2.82 15.26 34.31
CA ARG B 200 4.20 15.04 33.91
C ARG B 200 4.35 14.89 32.39
N ALA B 201 3.27 14.56 31.69
CA ALA B 201 3.30 14.53 30.23
C ALA B 201 3.71 15.87 29.66
N GLU B 202 3.32 16.97 30.32
CA GLU B 202 3.70 18.30 29.86
C GLU B 202 5.17 18.62 30.10
N GLN B 203 5.92 17.70 30.71
CA GLN B 203 7.34 17.91 30.97
C GLN B 203 8.24 17.04 30.10
N GLY B 204 7.68 16.13 29.32
CA GLY B 204 8.46 15.34 28.38
C GLY B 204 8.50 13.86 28.66
N TYR B 205 8.05 13.41 29.83
CA TYR B 205 8.06 12.00 30.17
C TYR B 205 6.69 11.59 30.69
N LEU B 206 6.23 10.41 30.29
CA LEU B 206 4.88 9.96 30.59
C LEU B 206 4.89 8.50 31.00
N HIS B 207 4.22 8.18 32.11
CA HIS B 207 3.96 6.80 32.50
C HIS B 207 2.75 6.31 31.71
N CYS B 208 2.99 5.44 30.72
CA CYS B 208 1.92 5.03 29.82
C CYS B 208 1.04 3.96 30.44
N GLY B 209 1.60 3.11 31.30
CA GLY B 209 0.84 2.06 31.94
C GLY B 209 1.74 1.00 32.53
N PRO B 210 1.29 -0.26 32.52
CA PRO B 210 2.15 -1.34 33.00
C PRO B 210 3.37 -1.54 32.13
N ALA B 211 4.26 -2.46 32.53
CA ALA B 211 5.47 -2.69 31.76
C ALA B 211 5.13 -3.23 30.37
N GLY B 212 5.75 -2.65 29.34
CA GLY B 212 5.50 -2.98 27.96
C GLY B 212 4.77 -1.89 27.21
N SER B 213 3.98 -1.07 27.91
CA SER B 213 3.20 -0.02 27.24
C SER B 213 4.10 1.10 26.73
N GLY B 214 5.18 1.40 27.44
CA GLY B 214 6.08 2.45 26.99
C GLY B 214 6.73 2.13 25.66
N HIS B 215 7.28 0.92 25.53
CA HIS B 215 7.86 0.52 24.25
C HIS B 215 6.79 0.37 23.18
N PHE B 216 5.56 0.00 23.56
CA PHE B 216 4.47 -0.07 22.58
C PHE B 216 4.18 1.30 21.98
N VAL B 217 4.02 2.30 22.84
CA VAL B 217 3.72 3.63 22.32
C VAL B 217 4.93 4.22 21.61
N LYS B 218 6.15 3.82 22.00
CA LYS B 218 7.33 4.22 21.24
C LYS B 218 7.32 3.61 19.85
N MET B 219 6.87 2.35 19.74
CA MET B 219 6.75 1.69 18.44
C MET B 219 5.75 2.41 17.55
N VAL B 220 4.58 2.74 18.10
CA VAL B 220 3.58 3.47 17.32
C VAL B 220 4.09 4.86 16.96
N HIS B 221 4.85 5.49 17.87
CA HIS B 221 5.47 6.78 17.58
C HIS B 221 6.41 6.69 16.40
N ASN B 222 7.24 5.64 16.36
CA ASN B 222 8.15 5.46 15.23
C ASN B 222 7.38 5.19 13.94
N GLY B 223 6.25 4.47 14.04
CA GLY B 223 5.42 4.28 12.87
C GLY B 223 4.89 5.59 12.30
N ILE B 224 4.36 6.44 13.18
CA ILE B 224 3.90 7.76 12.74
C ILE B 224 5.05 8.56 12.15
N GLU B 225 6.23 8.47 12.77
CA GLU B 225 7.40 9.17 12.26
C GLU B 225 7.74 8.73 10.85
N TYR B 226 7.72 7.42 10.60
CA TYR B 226 8.03 6.92 9.27
C TYR B 226 6.97 7.34 8.26
N GLY B 227 5.70 7.34 8.67
CA GLY B 227 4.66 7.82 7.78
C GLY B 227 4.87 9.26 7.35
N MET B 228 5.12 10.14 8.32
CA MET B 228 5.38 11.55 8.00
C MET B 228 6.63 11.71 7.15
N MET B 229 7.67 10.94 7.47
CA MET B 229 8.92 11.03 6.72
C MET B 229 8.71 10.66 5.25
N GLN B 230 7.95 9.60 5.00
CA GLN B 230 7.69 9.19 3.62
C GLN B 230 6.78 10.19 2.92
N ALA B 231 5.83 10.78 3.63
CA ALA B 231 5.02 11.84 3.05
C ALA B 231 5.88 13.00 2.58
N PHE B 232 6.80 13.46 3.45
CA PHE B 232 7.76 14.48 3.05
C PHE B 232 8.57 14.05 1.84
N ALA B 233 9.03 12.79 1.84
CA ALA B 233 9.86 12.30 0.76
C ALA B 233 9.15 12.41 -0.58
N GLU B 234 7.92 11.89 -0.67
CA GLU B 234 7.23 11.91 -1.94
C GLU B 234 6.76 13.31 -2.32
N GLY B 235 6.45 14.17 -1.34
CA GLY B 235 6.12 15.54 -1.68
C GLY B 235 7.29 16.28 -2.30
N PHE B 236 8.45 16.23 -1.65
CA PHE B 236 9.63 16.87 -2.22
C PHE B 236 10.06 16.20 -3.52
N ASP B 237 9.77 14.90 -3.69
CA ASP B 237 10.10 14.24 -4.94
C ASP B 237 9.22 14.74 -6.08
N ILE B 238 7.92 14.92 -5.82
CA ILE B 238 7.04 15.55 -6.81
C ILE B 238 7.56 16.94 -7.16
N MET B 239 7.95 17.72 -6.15
CA MET B 239 8.44 19.06 -6.42
C MET B 239 9.70 19.05 -7.28
N LYS B 240 10.63 18.15 -6.97
CA LYS B 240 11.86 18.04 -7.77
C LYS B 240 11.54 17.61 -9.20
N SER B 241 10.72 16.56 -9.35
CA SER B 241 10.40 16.01 -10.66
C SER B 241 9.51 16.93 -11.49
N LYS B 242 8.97 18.00 -10.89
CA LYS B 242 8.27 18.99 -11.71
C LYS B 242 9.17 19.57 -12.80
N ASN B 243 10.50 19.49 -12.64
CA ASN B 243 11.44 19.98 -13.65
C ASN B 243 12.15 18.84 -14.38
N SER B 244 11.58 17.63 -14.35
CA SER B 244 12.21 16.49 -14.98
C SER B 244 12.02 16.54 -16.50
N PRO B 245 12.93 15.92 -17.27
CA PRO B 245 12.79 15.94 -18.74
C PRO B 245 11.57 15.20 -19.26
N ILE B 246 10.90 14.39 -18.43
CA ILE B 246 9.73 13.64 -18.88
C ILE B 246 8.53 14.55 -19.16
N LEU B 247 8.64 15.83 -18.83
CA LEU B 247 7.60 16.80 -19.10
C LEU B 247 8.05 17.78 -20.17
N ALA B 248 7.08 18.38 -20.85
CA ALA B 248 7.38 19.46 -21.79
C ALA B 248 7.83 20.69 -21.02
N GLU B 249 8.66 21.51 -21.68
CA GLU B 249 9.20 22.71 -21.03
C GLU B 249 8.08 23.64 -20.58
N LYS B 250 7.01 23.73 -21.38
CA LYS B 250 5.86 24.55 -21.00
C LYS B 250 5.16 24.03 -19.76
N ASP B 251 5.50 22.83 -19.28
CA ASP B 251 4.86 22.24 -18.11
C ASP B 251 5.86 21.99 -16.99
N ARG B 252 6.99 22.70 -16.99
CA ARG B 252 8.03 22.51 -15.99
C ARG B 252 8.08 23.70 -15.03
N PHE B 253 8.44 23.40 -13.79
CA PHE B 253 8.76 24.42 -12.78
C PHE B 253 10.07 24.02 -12.13
N GLU B 254 11.06 24.90 -12.19
CA GLU B 254 12.34 24.67 -11.50
C GLU B 254 12.22 25.28 -10.11
N LEU B 255 11.73 24.48 -9.17
CA LEU B 255 11.46 24.94 -7.82
C LEU B 255 12.69 24.76 -6.93
N ASN B 256 12.82 25.67 -5.96
CA ASN B 256 13.93 25.62 -5.01
C ASN B 256 13.47 24.81 -3.79
N MET B 257 14.08 23.63 -3.60
CA MET B 257 13.65 22.75 -2.51
C MET B 257 13.95 23.37 -1.15
N GLY B 258 15.13 23.96 -0.99
CA GLY B 258 15.50 24.54 0.28
C GLY B 258 14.59 25.69 0.67
N ASP B 259 14.28 26.57 -0.28
CA ASP B 259 13.40 27.71 0.01
C ASP B 259 12.00 27.24 0.39
N ILE B 260 11.51 26.18 -0.25
CA ILE B 260 10.19 25.67 0.07
C ILE B 260 10.17 25.03 1.46
N ALA B 261 11.19 24.21 1.75
CA ALA B 261 11.28 23.61 3.08
C ALA B 261 11.45 24.69 4.16
N GLU B 262 12.05 25.82 3.82
CA GLU B 262 12.23 26.89 4.79
C GLU B 262 10.95 27.68 5.00
N VAL B 263 10.23 28.01 3.93
CA VAL B 263 9.00 28.76 4.07
C VAL B 263 7.93 27.90 4.75
N TRP B 264 7.99 26.58 4.59
CA TRP B 264 7.02 25.71 5.24
C TRP B 264 7.18 25.66 6.75
N ARG B 265 8.34 26.09 7.28
CA ARG B 265 8.59 25.98 8.71
C ARG B 265 7.77 26.97 9.52
N ARG B 266 7.20 27.99 8.89
CA ARG B 266 6.63 29.13 9.61
C ARG B 266 5.15 29.29 9.25
N GLY B 267 4.28 28.80 10.11
CA GLY B 267 2.86 29.03 9.97
C GLY B 267 2.15 28.16 8.96
N SER B 268 2.76 27.04 8.55
CA SER B 268 2.12 26.11 7.63
C SER B 268 1.64 24.88 8.39
N VAL B 269 0.74 24.13 7.74
CA VAL B 269 0.20 22.93 8.35
C VAL B 269 1.24 21.83 8.43
N VAL B 270 2.28 21.88 7.58
CA VAL B 270 3.27 20.81 7.49
C VAL B 270 4.48 21.08 8.38
N SER B 271 4.56 22.23 9.03
CA SER B 271 5.68 22.54 9.91
C SER B 271 5.80 21.48 11.00
N SER B 272 7.03 21.02 11.24
CA SER B 272 7.29 19.91 12.16
C SER B 272 8.78 19.87 12.45
N TRP B 273 9.15 18.99 13.38
CA TRP B 273 10.57 18.74 13.64
C TRP B 273 11.22 18.01 12.47
N LEU B 274 10.50 17.06 11.88
CA LEU B 274 10.98 16.42 10.66
C LEU B 274 11.23 17.45 9.57
N LEU B 275 10.37 18.46 9.46
CA LEU B 275 10.57 19.50 8.47
C LEU B 275 11.78 20.38 8.81
N ASP B 276 12.05 20.58 10.10
CA ASP B 276 13.26 21.30 10.48
C ASP B 276 14.51 20.53 10.08
N LEU B 277 14.52 19.21 10.33
CA LEU B 277 15.61 18.38 9.85
C LEU B 277 15.75 18.45 8.34
N THR B 278 14.61 18.41 7.63
CA THR B 278 14.63 18.47 6.17
C THR B 278 15.21 19.79 5.69
N ALA B 279 14.83 20.89 6.33
CA ALA B 279 15.33 22.20 5.93
C ALA B 279 16.83 22.31 6.20
N GLU B 280 17.30 21.75 7.31
CA GLU B 280 18.74 21.78 7.57
C GLU B 280 19.50 20.88 6.60
N ALA B 281 18.91 19.77 6.18
CA ALA B 281 19.60 18.86 5.26
C ALA B 281 19.62 19.41 3.84
N LEU B 282 18.53 20.04 3.40
CA LEU B 282 18.48 20.57 2.04
C LEU B 282 19.43 21.75 1.87
N THR B 283 19.74 22.46 2.95
CA THR B 283 20.70 23.55 2.88
C THR B 283 22.15 23.08 2.88
N ARG B 284 22.38 21.78 3.05
CA ARG B 284 23.74 21.23 2.98
C ARG B 284 24.06 20.59 1.64
N SER B 285 23.06 20.15 0.88
CA SER B 285 23.28 19.55 -0.43
C SER B 285 22.02 19.63 -1.27
N ASP B 297 17.70 -3.40 11.15
CA ASP B 297 17.41 -3.83 9.79
C ASP B 297 16.46 -2.86 9.10
N SER B 298 15.58 -3.42 8.26
CA SER B 298 14.59 -2.63 7.54
C SER B 298 13.15 -2.95 7.91
N GLY B 299 12.88 -4.09 8.51
CA GLY B 299 11.53 -4.45 8.90
C GLY B 299 11.17 -4.02 10.31
N GLU B 300 11.86 -3.00 10.81
CA GLU B 300 11.63 -2.53 12.17
C GLU B 300 10.17 -2.12 12.39
N GLY B 301 9.49 -1.68 11.33
CA GLY B 301 8.10 -1.27 11.47
C GLY B 301 7.10 -2.40 11.44
N ARG B 302 7.52 -3.60 11.04
CA ARG B 302 6.56 -4.69 10.89
C ARG B 302 5.85 -5.00 12.19
N TRP B 303 6.55 -4.90 13.32
CA TRP B 303 5.91 -5.13 14.61
C TRP B 303 4.66 -4.28 14.74
N THR B 304 4.75 -3.01 14.35
CA THR B 304 3.58 -2.14 14.45
C THR B 304 2.40 -2.71 13.68
N ILE B 305 2.62 -3.16 12.44
CA ILE B 305 1.47 -3.65 11.68
C ILE B 305 0.93 -4.93 12.29
N GLU B 306 1.77 -5.68 13.01
CA GLU B 306 1.24 -6.79 13.79
C GLU B 306 0.20 -6.29 14.78
N ALA B 307 0.59 -5.29 15.58
CA ALA B 307 -0.37 -4.65 16.47
C ALA B 307 -1.56 -4.10 15.70
N ALA B 308 -1.37 -3.77 14.42
CA ALA B 308 -2.49 -3.29 13.62
C ALA B 308 -3.43 -4.42 13.25
N ILE B 309 -2.89 -5.60 12.92
CA ILE B 309 -3.76 -6.70 12.55
C ILE B 309 -4.29 -7.43 13.77
N GLU B 310 -3.57 -7.36 14.90
CA GLU B 310 -4.08 -7.93 16.14
C GLU B 310 -5.33 -7.20 16.61
N GLU B 311 -5.48 -5.93 16.24
CA GLU B 311 -6.58 -5.09 16.71
C GLU B 311 -7.59 -4.78 15.61
N ASP B 312 -7.43 -5.39 14.43
CA ASP B 312 -8.36 -5.22 13.30
C ASP B 312 -8.54 -3.75 12.96
N VAL B 313 -7.43 -3.01 12.91
CA VAL B 313 -7.43 -1.60 12.55
C VAL B 313 -6.63 -1.45 11.26
N PRO B 314 -7.20 -0.89 10.19
CA PRO B 314 -6.42 -0.65 8.98
C PRO B 314 -5.40 0.45 9.18
N ALA B 315 -4.21 0.24 8.65
CA ALA B 315 -3.13 1.23 8.67
C ALA B 315 -2.48 1.28 7.30
N PRO B 316 -3.18 1.84 6.31
CA PRO B 316 -2.61 1.85 4.95
C PRO B 316 -1.41 2.75 4.80
N VAL B 317 -1.45 3.93 5.42
CA VAL B 317 -0.37 4.91 5.25
C VAL B 317 0.93 4.38 5.85
N MET B 318 0.88 3.92 7.11
CA MET B 318 2.08 3.40 7.76
C MET B 318 2.59 2.16 7.05
N THR B 319 1.68 1.28 6.62
CA THR B 319 2.09 0.07 5.93
C THR B 319 2.81 0.40 4.63
N ALA B 320 2.26 1.33 3.85
CA ALA B 320 2.92 1.74 2.62
C ALA B 320 4.27 2.40 2.90
N ALA B 321 4.32 3.24 3.94
CA ALA B 321 5.56 3.93 4.27
C ALA B 321 6.66 2.93 4.62
N LEU B 322 6.33 1.89 5.37
CA LEU B 322 7.36 0.91 5.74
C LEU B 322 7.70 0.00 4.58
N PHE B 323 6.71 -0.36 3.76
CA PHE B 323 6.98 -1.22 2.61
C PHE B 323 7.72 -0.49 1.50
N THR B 324 7.81 0.84 1.56
CA THR B 324 8.76 1.54 0.70
C THR B 324 10.20 1.16 1.03
N ARG B 325 10.49 0.89 2.31
CA ARG B 325 11.82 0.47 2.74
C ARG B 325 11.92 -1.00 3.08
N PHE B 326 10.80 -1.65 3.40
CA PHE B 326 10.78 -3.09 3.70
C PHE B 326 10.63 -3.82 2.37
N ARG B 327 11.74 -4.26 1.80
CA ARG B 327 11.75 -4.88 0.48
C ARG B 327 12.49 -6.21 0.52
N SER B 328 12.00 -7.18 -0.23
CA SER B 328 12.59 -8.50 -0.33
C SER B 328 13.16 -8.71 -1.72
N ARG B 329 14.45 -9.07 -1.79
CA ARG B 329 15.09 -9.28 -3.08
C ARG B 329 14.55 -10.51 -3.79
N SER B 330 14.35 -11.61 -3.05
CA SER B 330 13.81 -12.82 -3.66
C SER B 330 12.38 -12.61 -4.14
N GLY B 331 11.56 -11.93 -3.33
CA GLY B 331 10.19 -11.66 -3.74
C GLY B 331 10.09 -10.84 -5.01
N ASN B 332 11.11 -10.04 -5.31
CA ASN B 332 11.13 -9.24 -6.52
C ASN B 332 11.72 -9.98 -7.71
N ASN B 333 12.84 -10.68 -7.52
CA ASN B 333 13.43 -11.41 -8.64
C ASN B 333 12.54 -12.58 -9.07
N PHE B 334 11.77 -13.14 -8.13
CA PHE B 334 10.78 -14.15 -8.49
C PHE B 334 9.76 -13.61 -9.47
N ALA B 335 9.12 -12.48 -9.12
CA ALA B 335 8.10 -11.90 -10.00
C ALA B 335 8.71 -11.44 -11.31
N GLU B 336 9.94 -10.93 -11.28
CA GLU B 336 10.59 -10.49 -12.51
C GLU B 336 10.88 -11.67 -13.43
N LYS B 337 11.33 -12.79 -12.87
CA LYS B 337 11.53 -13.99 -13.69
C LYS B 337 10.21 -14.50 -14.25
N ILE B 338 9.14 -14.45 -13.46
CA ILE B 338 7.84 -14.89 -13.94
C ILE B 338 7.37 -14.01 -15.10
N LEU B 339 7.54 -12.69 -14.98
CA LEU B 339 7.12 -11.79 -16.05
C LEU B 339 7.98 -11.99 -17.30
N SER B 340 9.28 -12.18 -17.13
CA SER B 340 10.15 -12.41 -18.29
C SER B 340 9.80 -13.73 -18.97
N ALA B 341 9.41 -14.75 -18.20
CA ALA B 341 8.94 -15.99 -18.80
C ALA B 341 7.60 -15.78 -19.51
N GLN B 342 6.76 -14.89 -19.00
CA GLN B 342 5.50 -14.59 -19.65
C GLN B 342 5.72 -13.96 -21.02
N ARG B 343 6.53 -12.90 -21.07
CA ARG B 343 6.66 -12.14 -22.31
C ARG B 343 7.82 -12.57 -23.19
N PHE B 344 8.71 -13.44 -22.71
CA PHE B 344 9.84 -13.90 -23.51
C PHE B 344 10.03 -15.41 -23.54
N GLY B 345 9.56 -16.15 -22.54
CA GLY B 345 9.68 -17.59 -22.55
C GLY B 345 10.91 -18.08 -21.82
N PHE B 346 11.20 -19.36 -22.04
CA PHE B 346 12.32 -20.04 -21.38
C PHE B 346 13.38 -20.38 -22.43
N GLY B 347 14.62 -20.02 -22.14
CA GLY B 347 15.73 -20.30 -23.04
C GLY B 347 17.00 -19.57 -22.65
N TYR C 17 13.31 50.93 -0.98
CA TYR C 17 12.98 51.96 0.00
C TYR C 17 11.48 52.16 0.08
N PHE C 18 10.87 51.55 1.09
CA PHE C 18 9.42 51.60 1.29
C PHE C 18 9.14 51.84 2.76
N GLN C 19 8.45 52.94 3.06
CA GLN C 19 8.19 53.32 4.45
C GLN C 19 6.72 53.65 4.71
N GLY C 20 5.83 53.28 3.79
CA GLY C 20 4.42 53.58 3.97
C GLY C 20 3.53 52.36 4.01
N HIS C 21 2.34 52.47 3.42
CA HIS C 21 1.40 51.36 3.33
C HIS C 21 0.81 51.35 1.93
N MET C 22 0.08 50.28 1.62
CA MET C 22 -0.47 50.09 0.29
C MET C 22 -2.00 49.97 0.37
N ARG C 23 -2.62 50.03 -0.82
CA ARG C 23 -4.07 50.01 -0.96
C ARG C 23 -4.45 48.84 -1.86
N ILE C 24 -5.26 47.93 -1.35
CA ILE C 24 -5.58 46.68 -2.01
C ILE C 24 -7.09 46.45 -1.98
N GLY C 25 -7.66 46.04 -3.11
CA GLY C 25 -9.02 45.56 -3.11
C GLY C 25 -9.07 44.07 -2.78
N ILE C 26 -10.16 43.65 -2.16
CA ILE C 26 -10.31 42.25 -1.76
C ILE C 26 -11.71 41.79 -2.10
N ILE C 27 -11.81 40.78 -2.97
CA ILE C 27 -13.08 40.22 -3.41
C ILE C 27 -13.21 38.82 -2.79
N GLY C 28 -14.31 38.60 -2.07
CA GLY C 28 -14.49 37.36 -1.36
C GLY C 28 -14.10 37.48 0.09
N LEU C 29 -15.07 37.80 0.95
CA LEU C 29 -14.80 38.10 2.35
C LEU C 29 -15.35 36.99 3.24
N GLY C 30 -14.74 35.81 3.11
CA GLY C 30 -15.05 34.69 3.96
C GLY C 30 -14.25 34.72 5.25
N ARG C 31 -14.14 33.55 5.88
CA ARG C 31 -13.36 33.44 7.10
C ARG C 31 -11.85 33.46 6.85
N MET C 32 -11.43 33.56 5.60
CA MET C 32 -10.03 33.76 5.25
C MET C 32 -9.78 35.08 4.54
N GLY C 33 -10.66 35.46 3.60
CA GLY C 33 -10.51 36.76 2.97
C GLY C 33 -10.75 37.91 3.92
N GLY C 34 -11.78 37.81 4.75
CA GLY C 34 -12.00 38.82 5.77
C GLY C 34 -10.87 38.89 6.77
N ASN C 35 -10.32 37.73 7.15
CA ASN C 35 -9.16 37.70 8.03
C ASN C 35 -7.96 38.34 7.36
N ILE C 36 -7.78 38.10 6.06
CA ILE C 36 -6.68 38.74 5.33
C ILE C 36 -6.84 40.25 5.34
N ALA C 37 -8.06 40.75 5.08
CA ALA C 37 -8.29 42.19 5.09
C ALA C 37 -8.04 42.77 6.48
N VAL C 38 -8.54 42.11 7.52
CA VAL C 38 -8.36 42.62 8.87
C VAL C 38 -6.88 42.61 9.26
N ARG C 39 -6.14 41.59 8.86
CA ARG C 39 -4.71 41.54 9.18
C ARG C 39 -3.94 42.59 8.40
N LEU C 40 -4.35 42.87 7.17
CA LEU C 40 -3.71 43.96 6.41
C LEU C 40 -3.97 45.31 7.07
N THR C 41 -5.21 45.53 7.54
CA THR C 41 -5.52 46.80 8.18
C THR C 41 -4.79 46.95 9.50
N ARG C 42 -4.68 45.85 10.27
CA ARG C 42 -3.92 45.90 11.51
C ARG C 42 -2.43 46.13 11.29
N HIS C 43 -1.94 45.87 10.08
CA HIS C 43 -0.55 46.10 9.73
C HIS C 43 -0.32 47.39 8.97
N GLY C 44 -1.33 48.28 8.93
CA GLY C 44 -1.19 49.60 8.38
C GLY C 44 -1.75 49.79 6.99
N HIS C 45 -2.01 48.71 6.26
CA HIS C 45 -2.44 48.82 4.87
C HIS C 45 -3.93 49.17 4.79
N ASP C 46 -4.31 49.80 3.68
CA ASP C 46 -5.70 50.13 3.40
C ASP C 46 -6.28 49.10 2.45
N VAL C 47 -7.55 48.74 2.68
CA VAL C 47 -8.22 47.75 1.85
C VAL C 47 -9.54 48.32 1.34
N VAL C 48 -9.94 47.85 0.17
CA VAL C 48 -11.23 48.18 -0.45
C VAL C 48 -11.94 46.85 -0.66
N VAL C 49 -12.85 46.51 0.24
CA VAL C 49 -13.42 45.17 0.30
C VAL C 49 -14.79 45.15 -0.37
N HIS C 50 -15.17 43.97 -0.84
CA HIS C 50 -16.48 43.74 -1.44
C HIS C 50 -16.76 42.23 -1.44
N ASP C 51 -18.00 41.87 -1.12
CA ASP C 51 -18.42 40.47 -1.15
C ASP C 51 -19.82 40.40 -1.75
N ARG C 52 -20.21 39.18 -2.13
CA ARG C 52 -21.55 38.95 -2.65
C ARG C 52 -22.61 39.36 -1.64
N THR C 53 -22.35 39.11 -0.36
CA THR C 53 -23.25 39.50 0.71
C THR C 53 -22.86 40.87 1.25
N SER C 54 -23.79 41.82 1.20
CA SER C 54 -23.50 43.17 1.67
C SER C 54 -23.33 43.21 3.19
N GLU C 55 -24.08 42.37 3.91
CA GLU C 55 -23.96 42.31 5.36
C GLU C 55 -22.52 41.99 5.77
N VAL C 56 -21.91 40.99 5.12
CA VAL C 56 -20.59 40.58 5.55
C VAL C 56 -19.51 41.56 5.09
N THR C 57 -19.72 42.29 3.99
CA THR C 57 -18.72 43.29 3.62
C THR C 57 -18.76 44.48 4.57
N THR C 58 -19.97 44.90 4.97
CA THR C 58 -20.04 45.92 6.02
C THR C 58 -19.50 45.39 7.34
N SER C 59 -19.65 44.08 7.59
CA SER C 59 -19.12 43.48 8.81
C SER C 59 -17.59 43.52 8.82
N VAL C 60 -16.96 43.16 7.71
CA VAL C 60 -15.50 43.17 7.68
C VAL C 60 -14.97 44.60 7.66
N VAL C 61 -15.75 45.55 7.14
CA VAL C 61 -15.38 46.95 7.32
C VAL C 61 -15.41 47.32 8.80
N GLY C 62 -16.43 46.87 9.52
CA GLY C 62 -16.51 47.11 10.95
C GLY C 62 -15.46 46.37 11.76
N ARG C 63 -14.90 45.29 11.23
CA ARG C 63 -13.88 44.54 11.94
C ARG C 63 -12.48 45.14 11.80
N CYS C 64 -12.25 45.96 10.78
CA CYS C 64 -10.95 46.55 10.56
C CYS C 64 -10.76 47.81 11.38
N GLU C 65 -9.52 48.30 11.41
CA GLU C 65 -9.23 49.57 12.06
C GLU C 65 -9.98 50.70 11.38
N ALA C 66 -10.32 51.72 12.16
CA ALA C 66 -11.14 52.82 11.65
C ALA C 66 -10.42 53.57 10.54
N GLY C 67 -11.13 53.79 9.43
CA GLY C 67 -10.61 54.57 8.33
C GLY C 67 -9.67 53.85 7.39
N ARG C 68 -9.40 52.56 7.62
CA ARG C 68 -8.48 51.80 6.78
C ARG C 68 -9.18 50.81 5.86
N ALA C 69 -10.47 50.57 6.04
CA ALA C 69 -11.23 49.65 5.19
C ALA C 69 -12.41 50.38 4.57
N THR C 70 -12.50 50.33 3.24
CA THR C 70 -13.57 50.99 2.52
C THR C 70 -14.44 49.95 1.82
N PRO C 71 -15.76 50.00 1.98
CA PRO C 71 -16.62 49.03 1.31
C PRO C 71 -16.86 49.41 -0.15
N ALA C 72 -16.93 48.39 -0.99
CA ALA C 72 -17.28 48.54 -2.40
C ALA C 72 -18.52 47.71 -2.68
N ASP C 73 -19.40 48.24 -3.54
CA ASP C 73 -20.67 47.58 -3.82
C ASP C 73 -20.60 46.65 -5.02
N THR C 74 -19.87 47.05 -6.06
CA THR C 74 -19.66 46.22 -7.24
C THR C 74 -18.16 46.18 -7.55
N LEU C 75 -17.80 45.38 -8.56
CA LEU C 75 -16.40 45.33 -8.96
C LEU C 75 -15.99 46.60 -9.69
N ALA C 76 -16.93 47.25 -10.38
CA ALA C 76 -16.63 48.54 -10.99
C ALA C 76 -16.36 49.59 -9.92
N ASP C 77 -17.13 49.58 -8.84
CA ASP C 77 -16.89 50.50 -7.74
C ASP C 77 -15.51 50.27 -7.12
N MET C 78 -15.08 49.00 -7.02
CA MET C 78 -13.75 48.72 -6.49
C MET C 78 -12.67 49.20 -7.43
N ALA C 79 -12.83 48.94 -8.74
CA ALA C 79 -11.85 49.41 -9.71
C ALA C 79 -11.76 50.93 -9.73
N LYS C 80 -12.86 51.62 -9.43
CA LYS C 80 -12.83 53.07 -9.39
C LYS C 80 -12.18 53.58 -8.12
N LEU C 81 -12.62 53.10 -6.95
CA LEU C 81 -12.09 53.55 -5.67
C LEU C 81 -10.63 53.18 -5.46
N LEU C 82 -10.07 52.31 -6.32
CA LEU C 82 -8.67 51.90 -6.20
C LEU C 82 -7.76 52.65 -7.14
N GLU C 83 -8.28 53.63 -7.89
CA GLU C 83 -7.43 54.44 -8.74
C GLU C 83 -6.58 55.39 -7.91
N GLY C 84 -5.43 55.76 -8.46
CA GLY C 84 -4.53 56.65 -7.77
C GLY C 84 -3.17 56.03 -7.50
N ASP C 85 -3.18 54.78 -7.05
CA ASP C 85 -1.93 54.08 -6.80
C ASP C 85 -1.22 53.78 -8.12
N GLU C 86 0.07 53.42 -8.02
CA GLU C 86 0.84 53.09 -9.20
C GLU C 86 0.25 51.87 -9.92
N HIS C 87 -0.19 50.88 -9.16
CA HIS C 87 -0.83 49.69 -9.71
C HIS C 87 -1.95 49.26 -8.79
N ARG C 88 -3.14 49.05 -9.35
CA ARG C 88 -4.27 48.55 -8.58
C ARG C 88 -4.05 47.06 -8.29
N VAL C 89 -3.93 46.72 -7.02
CA VAL C 89 -3.79 45.33 -6.58
C VAL C 89 -5.14 44.83 -6.10
N VAL C 90 -5.65 43.77 -6.73
CA VAL C 90 -6.95 43.20 -6.38
C VAL C 90 -6.74 41.74 -6.03
N TRP C 91 -6.95 41.40 -4.75
CA TRP C 91 -6.83 40.05 -4.23
C TRP C 91 -8.21 39.41 -4.19
N VAL C 92 -8.41 38.35 -4.96
CA VAL C 92 -9.68 37.64 -5.03
C VAL C 92 -9.54 36.31 -4.30
N MET C 93 -10.42 36.07 -3.33
CA MET C 93 -10.49 34.80 -2.60
C MET C 93 -11.93 34.32 -2.63
N LEU C 94 -12.31 33.70 -3.73
CA LEU C 94 -13.64 33.16 -3.94
C LEU C 94 -13.54 31.64 -4.09
N PRO C 95 -14.66 30.91 -4.01
CA PRO C 95 -14.60 29.46 -4.24
C PRO C 95 -14.00 29.14 -5.59
N ALA C 96 -12.96 28.30 -5.58
CA ALA C 96 -12.25 27.96 -6.81
C ALA C 96 -13.15 27.21 -7.78
N GLY C 97 -13.07 27.58 -9.05
CA GLY C 97 -13.90 26.95 -10.06
C GLY C 97 -14.50 27.97 -11.03
N ALA C 98 -15.82 28.06 -11.05
CA ALA C 98 -16.48 29.01 -11.94
C ALA C 98 -16.56 30.40 -11.33
N ILE C 99 -16.73 30.50 -10.02
CA ILE C 99 -16.86 31.81 -9.37
C ILE C 99 -15.57 32.60 -9.53
N THR C 100 -14.43 31.98 -9.17
CA THR C 100 -13.15 32.68 -9.26
C THR C 100 -12.80 32.98 -10.71
N GLU C 101 -13.16 32.09 -11.63
CA GLU C 101 -12.90 32.35 -13.05
C GLU C 101 -13.70 33.55 -13.53
N ASP C 102 -14.98 33.61 -13.18
CA ASP C 102 -15.81 34.76 -13.55
C ASP C 102 -15.26 36.05 -12.95
N CYS C 103 -14.80 36.00 -11.70
CA CYS C 103 -14.28 37.20 -11.06
C CYS C 103 -12.99 37.65 -11.72
N VAL C 104 -12.11 36.72 -12.06
CA VAL C 104 -10.86 37.07 -12.73
C VAL C 104 -11.14 37.66 -14.11
N GLN C 105 -12.13 37.10 -14.81
CA GLN C 105 -12.51 37.66 -16.11
C GLN C 105 -13.05 39.07 -15.97
N GLN C 106 -13.93 39.30 -14.99
CA GLN C 106 -14.46 40.64 -14.76
C GLN C 106 -13.35 41.62 -14.39
N LEU C 107 -12.37 41.17 -13.63
CA LEU C 107 -11.26 42.05 -13.26
C LEU C 107 -10.38 42.36 -14.46
N GLY C 108 -10.13 41.36 -15.31
CA GLY C 108 -9.43 41.62 -16.56
C GLY C 108 -10.17 42.60 -17.45
N GLY C 109 -11.51 42.60 -17.36
CA GLY C 109 -12.28 43.59 -18.08
C GLY C 109 -12.27 44.97 -17.45
N LEU C 110 -12.19 45.04 -16.12
CA LEU C 110 -12.27 46.30 -15.39
C LEU C 110 -10.91 46.94 -15.15
N LEU C 111 -9.87 46.15 -14.92
CA LEU C 111 -8.57 46.69 -14.58
C LEU C 111 -7.80 47.10 -15.84
N GLY C 112 -6.73 47.87 -15.64
CA GLY C 112 -5.93 48.41 -16.71
C GLY C 112 -4.61 47.70 -16.88
N ARG C 113 -3.69 48.37 -17.57
CA ARG C 113 -2.41 47.74 -17.92
C ARG C 113 -1.56 47.47 -16.69
N GLY C 114 -1.32 48.50 -15.88
CA GLY C 114 -0.42 48.34 -14.74
C GLY C 114 -1.00 47.55 -13.59
N ASP C 115 -2.31 47.34 -13.58
CA ASP C 115 -2.97 46.72 -12.43
C ASP C 115 -2.53 45.27 -12.25
N ILE C 116 -2.69 44.77 -11.04
CA ILE C 116 -2.25 43.45 -10.64
C ILE C 116 -3.42 42.70 -10.02
N ILE C 117 -3.58 41.43 -10.38
CA ILE C 117 -4.66 40.59 -9.88
C ILE C 117 -4.03 39.37 -9.20
N ILE C 118 -4.38 39.18 -7.93
CA ILE C 118 -3.85 38.11 -7.09
C ILE C 118 -4.98 37.13 -6.81
N ASP C 119 -4.69 35.84 -6.95
CA ASP C 119 -5.66 34.78 -6.72
C ASP C 119 -5.18 33.96 -5.53
N GLY C 120 -5.88 34.09 -4.41
CA GLY C 120 -5.52 33.40 -3.18
C GLY C 120 -6.28 32.12 -2.90
N GLY C 121 -7.23 31.75 -3.75
CA GLY C 121 -8.02 30.56 -3.53
C GLY C 121 -7.26 29.29 -3.84
N ASN C 122 -7.99 28.19 -3.82
CA ASN C 122 -7.42 26.86 -4.10
C ASN C 122 -7.63 26.49 -5.57
N THR C 123 -7.11 27.34 -6.44
CA THR C 123 -7.28 27.15 -7.87
C THR C 123 -6.26 26.15 -8.41
N TYR C 124 -6.66 25.42 -9.45
CA TYR C 124 -5.73 24.55 -10.15
C TYR C 124 -4.62 25.38 -10.78
N TYR C 125 -3.37 24.95 -10.60
CA TYR C 125 -2.23 25.74 -11.06
C TYR C 125 -2.20 25.87 -12.58
N LYS C 126 -2.75 24.89 -13.29
CA LYS C 126 -2.85 25.00 -14.75
C LYS C 126 -3.77 26.14 -15.14
N ASP C 127 -4.91 26.28 -14.44
CA ASP C 127 -5.73 27.47 -14.61
C ASP C 127 -4.96 28.73 -14.28
N ASP C 128 -4.03 28.66 -13.33
CA ASP C 128 -3.24 29.83 -12.99
C ASP C 128 -2.33 30.25 -14.15
N VAL C 129 -1.65 29.28 -14.77
CA VAL C 129 -0.78 29.64 -15.89
C VAL C 129 -1.62 30.10 -17.09
N ARG C 130 -2.80 29.53 -17.27
CA ARG C 130 -3.67 29.95 -18.36
C ARG C 130 -4.14 31.39 -18.17
N ARG C 131 -4.66 31.70 -16.98
CA ARG C 131 -5.07 33.07 -16.66
C ARG C 131 -3.89 34.03 -16.75
N SER C 132 -2.70 33.57 -16.36
CA SER C 132 -1.51 34.41 -16.43
C SER C 132 -1.23 34.83 -17.86
N ALA C 133 -1.23 33.86 -18.79
CA ALA C 133 -1.03 34.19 -20.20
C ALA C 133 -2.14 35.12 -20.71
N GLU C 134 -3.40 34.79 -20.40
CA GLU C 134 -4.52 35.55 -20.94
C GLU C 134 -4.51 36.99 -20.44
N LEU C 135 -4.12 37.21 -19.18
CA LEU C 135 -4.06 38.56 -18.64
C LEU C 135 -2.77 39.27 -19.04
N ALA C 136 -1.70 38.53 -19.33
CA ALA C 136 -0.51 39.16 -19.90
C ALA C 136 -0.80 39.67 -21.31
N GLU C 137 -1.74 39.05 -22.02
CA GLU C 137 -2.19 39.62 -23.29
C GLU C 137 -2.75 41.03 -23.08
N LYS C 138 -3.56 41.22 -22.04
CA LYS C 138 -4.08 42.54 -21.69
C LYS C 138 -3.09 43.38 -20.90
N GLY C 139 -1.85 42.92 -20.72
CA GLY C 139 -0.88 43.62 -19.93
C GLY C 139 -1.05 43.50 -18.44
N ILE C 140 -2.13 42.86 -17.97
CA ILE C 140 -2.39 42.73 -16.54
C ILE C 140 -1.49 41.64 -15.97
N SER C 141 -0.86 41.94 -14.84
CA SER C 141 -0.03 40.98 -14.13
C SER C 141 -0.91 40.10 -13.25
N TYR C 142 -0.68 38.79 -13.30
CA TYR C 142 -1.44 37.81 -12.55
C TYR C 142 -0.50 37.08 -11.60
N VAL C 143 -0.92 36.94 -10.34
CA VAL C 143 -0.13 36.27 -9.32
C VAL C 143 -1.01 35.26 -8.62
N ASP C 144 -0.47 34.05 -8.39
CA ASP C 144 -1.19 33.02 -7.65
C ASP C 144 -0.56 32.85 -6.28
N VAL C 145 -1.38 32.81 -5.24
CA VAL C 145 -0.89 32.76 -3.85
C VAL C 145 -1.57 31.60 -3.14
N GLY C 146 -0.81 30.58 -2.79
CA GLY C 146 -1.28 29.57 -1.87
C GLY C 146 -1.09 30.03 -0.45
N THR C 147 -2.19 30.10 0.30
CA THR C 147 -2.22 30.65 1.65
C THR C 147 -2.51 29.52 2.62
N SER C 148 -1.57 29.24 3.51
CA SER C 148 -1.71 28.18 4.50
C SER C 148 -1.71 28.80 5.89
N GLY C 149 -2.67 28.38 6.72
CA GLY C 149 -2.81 28.91 8.06
C GLY C 149 -4.22 28.79 8.59
N GLY C 150 -5.20 28.85 7.68
CA GLY C 150 -6.59 28.71 8.09
C GLY C 150 -7.06 29.93 8.86
N VAL C 151 -7.80 29.66 9.94
CA VAL C 151 -8.27 30.76 10.79
C VAL C 151 -7.13 31.29 11.64
N TRP C 152 -6.22 30.40 12.05
CA TRP C 152 -5.10 30.80 12.90
C TRP C 152 -4.27 31.92 12.27
N GLY C 153 -4.17 31.91 10.93
CA GLY C 153 -3.33 32.87 10.23
C GLY C 153 -3.68 34.31 10.48
N LEU C 154 -4.88 34.60 11.00
CA LEU C 154 -5.23 35.97 11.33
C LEU C 154 -4.32 36.52 12.43
N GLU C 155 -3.97 35.68 13.40
CA GLU C 155 -3.15 36.11 14.52
C GLU C 155 -1.70 35.64 14.43
N ARG C 156 -1.44 34.55 13.70
CA ARG C 156 -0.13 33.94 13.66
C ARG C 156 0.58 34.12 12.32
N GLY C 157 -0.05 34.79 11.36
CA GLY C 157 0.53 34.96 10.04
C GLY C 157 0.20 33.82 9.11
N TYR C 158 0.27 34.10 7.81
CA TYR C 158 -0.05 33.15 6.77
C TYR C 158 1.22 32.72 6.06
N CYS C 159 1.45 31.40 6.00
CA CYS C 159 2.52 30.84 5.19
C CYS C 159 2.09 30.91 3.73
N MET C 160 2.82 31.69 2.93
CA MET C 160 2.39 32.00 1.57
C MET C 160 3.41 31.50 0.56
N MET C 161 2.92 30.78 -0.44
CA MET C 161 3.73 30.34 -1.58
C MET C 161 3.12 30.94 -2.83
N PHE C 162 3.78 31.91 -3.43
CA PHE C 162 3.19 32.66 -4.52
C PHE C 162 4.07 32.61 -5.77
N GLY C 163 3.41 32.72 -6.90
CA GLY C 163 4.08 32.72 -8.19
C GLY C 163 3.62 33.88 -9.05
N GLY C 164 4.57 34.48 -9.74
CA GLY C 164 4.31 35.63 -10.58
C GLY C 164 5.61 36.20 -11.09
N THR C 165 5.49 37.29 -11.83
CA THR C 165 6.68 37.95 -12.37
C THR C 165 7.50 38.57 -11.25
N LYS C 166 8.80 38.70 -11.48
CA LYS C 166 9.71 39.19 -10.45
C LYS C 166 9.40 40.64 -10.08
N GLU C 167 9.08 41.47 -11.07
CA GLU C 167 8.76 42.87 -10.79
C GLU C 167 7.50 42.98 -9.96
N THR C 168 6.45 42.25 -10.34
CA THR C 168 5.21 42.25 -9.56
C THR C 168 5.45 41.68 -8.17
N ALA C 169 6.30 40.66 -8.05
CA ALA C 169 6.64 40.12 -6.74
C ALA C 169 7.29 41.19 -5.87
N GLU C 170 8.22 41.96 -6.44
CA GLU C 170 8.83 43.05 -5.68
C GLU C 170 7.83 44.15 -5.37
N TYR C 171 6.80 44.31 -6.19
CA TYR C 171 5.83 45.37 -5.93
C TYR C 171 4.90 45.01 -4.78
N ILE C 172 4.39 43.78 -4.76
CA ILE C 172 3.42 43.36 -3.74
C ILE C 172 4.15 42.81 -2.53
N ASP C 173 5.47 43.00 -2.48
CA ASP C 173 6.25 42.52 -1.34
C ASP C 173 5.77 43.10 0.00
N PRO C 174 5.37 44.39 0.10
CA PRO C 174 4.87 44.86 1.41
C PRO C 174 3.68 44.08 1.94
N ILE C 175 2.67 43.82 1.11
CA ILE C 175 1.47 43.16 1.62
C ILE C 175 1.74 41.70 1.95
N LEU C 176 2.60 41.03 1.17
CA LEU C 176 2.93 39.65 1.47
C LEU C 176 3.77 39.54 2.74
N SER C 177 4.70 40.47 2.94
CA SER C 177 5.46 40.50 4.18
C SER C 177 4.59 40.88 5.37
N ALA C 178 3.53 41.65 5.13
CA ALA C 178 2.62 42.02 6.21
C ALA C 178 1.78 40.82 6.64
N LEU C 179 1.22 40.09 5.68
CA LEU C 179 0.41 38.93 6.01
C LEU C 179 1.25 37.74 6.46
N ALA C 180 2.55 37.74 6.18
CA ALA C 180 3.41 36.63 6.56
C ALA C 180 3.64 36.62 8.06
N PRO C 181 4.02 35.45 8.62
CA PRO C 181 4.29 35.41 10.07
C PRO C 181 5.52 36.20 10.48
N GLY C 182 6.58 36.18 9.66
CA GLY C 182 7.81 36.86 10.00
C GLY C 182 8.87 35.90 10.47
N ILE C 183 10.02 36.49 10.83
CA ILE C 183 11.14 35.69 11.34
C ILE C 183 10.74 34.95 12.60
N GLY C 184 10.07 35.64 13.52
CA GLY C 184 9.53 35.04 14.72
C GLY C 184 10.60 34.46 15.64
N ASP C 185 10.14 33.61 16.56
CA ASP C 185 11.02 32.96 17.52
C ASP C 185 11.52 31.60 17.05
N VAL C 186 11.06 31.12 15.91
CA VAL C 186 11.52 29.82 15.41
C VAL C 186 13.00 29.91 15.05
N PRO C 187 13.84 28.99 15.51
CA PRO C 187 15.27 29.11 15.26
C PRO C 187 15.60 28.99 13.78
N ARG C 188 16.60 29.76 13.35
CA ARG C 188 17.06 29.68 11.97
C ARG C 188 17.75 28.34 11.71
N THR C 189 17.59 27.84 10.50
CA THR C 189 18.28 26.61 10.12
C THR C 189 19.74 26.91 9.84
N PRO C 190 20.67 26.21 10.49
CA PRO C 190 22.10 26.46 10.25
C PRO C 190 22.47 26.15 8.80
N GLY C 191 23.28 27.02 8.20
CA GLY C 191 23.73 26.88 6.83
C GLY C 191 22.84 27.53 5.79
N ARG C 192 22.13 28.59 6.15
CA ARG C 192 21.11 29.15 5.28
C ARG C 192 21.66 30.15 4.27
N ASP C 193 22.13 31.30 4.75
CA ASP C 193 22.51 32.39 3.86
C ASP C 193 23.97 32.30 3.39
N GLU C 194 24.76 31.38 3.92
CA GLU C 194 26.12 31.20 3.40
C GLU C 194 26.09 30.88 1.91
N ALA C 195 25.05 30.20 1.46
CA ALA C 195 24.89 29.85 0.06
C ALA C 195 24.14 30.92 -0.74
N GLY C 196 23.69 31.98 -0.09
CA GLY C 196 22.95 33.03 -0.78
C GLY C 196 21.63 32.57 -1.32
N HIS C 197 20.72 32.17 -0.42
CA HIS C 197 19.39 31.73 -0.81
C HIS C 197 18.40 32.88 -0.65
N ASP C 198 17.13 32.59 -0.90
CA ASP C 198 16.07 33.58 -0.76
C ASP C 198 15.82 33.87 0.71
N PRO C 199 16.09 35.08 1.20
CA PRO C 199 15.93 35.34 2.64
C PRO C 199 14.49 35.50 3.06
N ARG C 200 13.62 35.91 2.12
CA ARG C 200 12.21 36.12 2.44
C ARG C 200 11.51 34.83 2.86
N ALA C 201 12.05 33.68 2.45
CA ALA C 201 11.50 32.40 2.91
C ALA C 201 11.59 32.27 4.42
N GLU C 202 12.54 32.96 5.05
CA GLU C 202 12.65 32.93 6.51
C GLU C 202 11.57 33.78 7.19
N GLN C 203 10.67 34.39 6.43
CA GLN C 203 9.59 35.18 7.01
C GLN C 203 8.21 34.57 6.79
N GLY C 204 8.09 33.54 5.96
CA GLY C 204 6.83 32.86 5.75
C GLY C 204 6.22 33.05 4.38
N TYR C 205 6.87 33.79 3.48
CA TYR C 205 6.36 33.96 2.13
C TYR C 205 7.51 33.79 1.14
N LEU C 206 7.24 33.04 0.08
CA LEU C 206 8.28 32.64 -0.87
C LEU C 206 7.79 32.77 -2.30
N HIS C 207 8.59 33.41 -3.14
CA HIS C 207 8.34 33.46 -4.58
C HIS C 207 8.82 32.16 -5.20
N CYS C 208 7.88 31.28 -5.55
CA CYS C 208 8.25 29.94 -6.00
C CYS C 208 8.71 29.91 -7.45
N GLY C 209 8.20 30.82 -8.28
CA GLY C 209 8.56 30.85 -9.68
C GLY C 209 7.53 31.62 -10.50
N PRO C 210 7.35 31.22 -11.75
CA PRO C 210 6.34 31.87 -12.60
C PRO C 210 4.94 31.63 -12.05
N ALA C 211 3.97 32.30 -12.66
CA ALA C 211 2.59 32.18 -12.23
C ALA C 211 2.12 30.73 -12.35
N GLY C 212 1.50 30.23 -11.29
CA GLY C 212 1.09 28.85 -11.19
C GLY C 212 1.94 28.01 -10.27
N SER C 213 3.18 28.44 -9.98
CA SER C 213 4.05 27.66 -9.13
C SER C 213 3.64 27.74 -7.67
N GLY C 214 3.06 28.87 -7.25
CA GLY C 214 2.67 29.02 -5.85
C GLY C 214 1.55 28.06 -5.45
N HIS C 215 0.48 28.02 -6.26
CA HIS C 215 -0.59 27.07 -5.99
C HIS C 215 -0.11 25.63 -6.14
N PHE C 216 0.87 25.39 -7.02
CA PHE C 216 1.45 24.06 -7.13
C PHE C 216 2.13 23.64 -5.83
N VAL C 217 2.95 24.54 -5.27
CA VAL C 217 3.63 24.25 -4.01
C VAL C 217 2.61 24.08 -2.89
N LYS C 218 1.56 24.90 -2.88
CA LYS C 218 0.52 24.78 -1.86
C LYS C 218 -0.22 23.44 -1.99
N MET C 219 -0.43 22.98 -3.22
CA MET C 219 -1.11 21.71 -3.46
C MET C 219 -0.27 20.55 -2.93
N VAL C 220 1.03 20.54 -3.26
CA VAL C 220 1.90 19.49 -2.71
C VAL C 220 1.98 19.59 -1.19
N HIS C 221 1.94 20.82 -0.66
CA HIS C 221 1.91 21.03 0.79
C HIS C 221 0.70 20.34 1.41
N ASN C 222 -0.48 20.53 0.82
CA ASN C 222 -1.68 19.91 1.37
C ASN C 222 -1.69 18.40 1.16
N GLY C 223 -1.03 17.91 0.10
CA GLY C 223 -0.87 16.47 -0.04
C GLY C 223 -0.05 15.88 1.08
N ILE C 224 1.10 16.51 1.38
CA ILE C 224 1.91 16.06 2.52
C ILE C 224 1.11 16.18 3.81
N GLU C 225 0.29 17.22 3.93
CA GLU C 225 -0.54 17.39 5.11
C GLU C 225 -1.49 16.22 5.28
N TYR C 226 -2.17 15.82 4.19
CA TYR C 226 -3.08 14.69 4.27
C TYR C 226 -2.35 13.41 4.63
N GLY C 227 -1.15 13.22 4.07
CA GLY C 227 -0.36 12.05 4.44
C GLY C 227 -0.04 12.00 5.92
N MET C 228 0.48 13.10 6.46
CA MET C 228 0.82 13.13 7.89
C MET C 228 -0.43 12.99 8.76
N MET C 229 -1.53 13.58 8.32
CA MET C 229 -2.77 13.51 9.09
C MET C 229 -3.28 12.07 9.18
N GLN C 230 -3.25 11.36 8.04
CA GLN C 230 -3.66 9.96 8.05
C GLN C 230 -2.70 9.11 8.87
N ALA C 231 -1.40 9.44 8.83
CA ALA C 231 -0.44 8.71 9.66
C ALA C 231 -0.78 8.85 11.14
N PHE C 232 -0.97 10.10 11.60
CA PHE C 232 -1.39 10.32 12.98
C PHE C 232 -2.69 9.60 13.29
N ALA C 233 -3.62 9.60 12.34
CA ALA C 233 -4.93 9.00 12.58
C ALA C 233 -4.80 7.51 12.84
N GLU C 234 -4.11 6.78 11.95
CA GLU C 234 -4.00 5.34 12.16
C GLU C 234 -3.08 5.01 13.33
N GLY C 235 -2.12 5.88 13.64
CA GLY C 235 -1.32 5.66 14.85
C GLY C 235 -2.16 5.72 16.11
N PHE C 236 -2.94 6.79 16.26
CA PHE C 236 -3.80 6.90 17.43
C PHE C 236 -4.90 5.84 17.41
N ASP C 237 -5.28 5.35 16.23
CA ASP C 237 -6.25 4.26 16.17
C ASP C 237 -5.66 2.98 16.71
N ILE C 238 -4.43 2.65 16.29
CA ILE C 238 -3.73 1.48 16.83
C ILE C 238 -3.55 1.61 18.33
N MET C 239 -3.32 2.84 18.81
CA MET C 239 -3.16 3.03 20.25
C MET C 239 -4.48 2.81 20.99
N LYS C 240 -5.55 3.43 20.50
CA LYS C 240 -6.85 3.31 21.17
C LYS C 240 -7.35 1.87 21.16
N SER C 241 -7.07 1.13 20.09
CA SER C 241 -7.55 -0.25 19.98
C SER C 241 -6.74 -1.24 20.81
N LYS C 242 -5.76 -0.78 21.58
CA LYS C 242 -5.08 -1.67 22.51
C LYS C 242 -5.97 -2.04 23.69
N ASN C 243 -6.99 -1.24 23.98
CA ASN C 243 -7.95 -1.52 25.02
C ASN C 243 -9.29 -2.00 24.45
N SER C 244 -9.30 -2.41 23.18
CA SER C 244 -10.52 -2.91 22.57
C SER C 244 -10.81 -4.33 23.06
N PRO C 245 -12.08 -4.71 23.15
CA PRO C 245 -12.42 -6.06 23.64
C PRO C 245 -12.05 -7.18 22.70
N ILE C 246 -11.63 -6.87 21.47
CA ILE C 246 -11.23 -7.92 20.52
C ILE C 246 -9.97 -8.65 20.97
N LEU C 247 -9.27 -8.12 21.97
CA LEU C 247 -8.11 -8.76 22.56
C LEU C 247 -8.45 -9.25 23.96
N ALA C 248 -7.70 -10.24 24.41
CA ALA C 248 -7.84 -10.68 25.79
C ALA C 248 -7.26 -9.63 26.72
N GLU C 249 -7.84 -9.53 27.93
CA GLU C 249 -7.32 -8.60 28.93
C GLU C 249 -5.85 -8.85 29.25
N LYS C 250 -5.38 -10.07 29.02
CA LYS C 250 -3.95 -10.36 29.13
C LYS C 250 -3.14 -9.51 28.17
N ASP C 251 -3.71 -9.15 27.01
CA ASP C 251 -3.00 -8.44 25.97
C ASP C 251 -3.58 -7.04 25.73
N ARG C 252 -4.07 -6.39 26.78
CA ARG C 252 -4.66 -5.07 26.65
C ARG C 252 -3.86 -4.04 27.43
N PHE C 253 -3.82 -2.82 26.89
CA PHE C 253 -3.26 -1.66 27.56
C PHE C 253 -4.28 -0.52 27.50
N GLU C 254 -4.64 0.02 28.65
CA GLU C 254 -5.54 1.17 28.70
C GLU C 254 -4.70 2.44 28.62
N LEU C 255 -4.38 2.83 27.39
CA LEU C 255 -3.53 3.98 27.15
C LEU C 255 -4.35 5.26 27.14
N ASN C 256 -3.74 6.36 27.58
CA ASN C 256 -4.36 7.67 27.59
C ASN C 256 -3.92 8.43 26.36
N MET C 257 -4.86 8.67 25.44
CA MET C 257 -4.52 9.32 24.17
C MET C 257 -4.03 10.75 24.40
N GLY C 258 -4.72 11.49 25.27
CA GLY C 258 -4.31 12.87 25.52
C GLY C 258 -2.92 12.98 26.11
N ASP C 259 -2.61 12.10 27.08
CA ASP C 259 -1.29 12.13 27.70
C ASP C 259 -0.20 11.79 26.69
N ILE C 260 -0.46 10.82 25.81
CA ILE C 260 0.53 10.45 24.79
C ILE C 260 0.74 11.60 23.83
N ALA C 261 -0.35 12.19 23.34
CA ALA C 261 -0.23 13.34 22.44
C ALA C 261 0.51 14.49 23.10
N GLU C 262 0.31 14.68 24.40
CA GLU C 262 0.97 15.78 25.10
C GLU C 262 2.46 15.51 25.27
N VAL C 263 2.81 14.30 25.71
CA VAL C 263 4.22 13.98 25.92
C VAL C 263 4.96 13.98 24.59
N TRP C 264 4.27 13.70 23.48
CA TRP C 264 4.92 13.72 22.19
C TRP C 264 5.31 15.12 21.73
N ARG C 265 4.66 16.16 22.27
CA ARG C 265 4.99 17.53 21.88
C ARG C 265 6.29 18.02 22.49
N ARG C 266 6.88 17.27 23.42
CA ARG C 266 8.06 17.71 24.17
C ARG C 266 9.29 17.00 23.62
N GLY C 267 9.78 17.47 22.49
CA GLY C 267 11.03 16.97 21.94
C GLY C 267 11.00 15.55 21.42
N SER C 268 9.92 15.16 20.75
CA SER C 268 9.85 13.88 20.06
C SER C 268 9.93 14.12 18.55
N VAL C 269 10.12 13.03 17.81
CA VAL C 269 10.26 13.16 16.36
C VAL C 269 8.94 13.55 15.71
N VAL C 270 7.81 13.16 16.31
CA VAL C 270 6.51 13.43 15.72
C VAL C 270 5.96 14.79 16.13
N SER C 271 6.72 15.59 16.86
CA SER C 271 6.26 16.92 17.24
C SER C 271 6.01 17.77 16.01
N SER C 272 4.79 18.31 15.90
CA SER C 272 4.38 19.04 14.71
C SER C 272 3.18 19.91 15.06
N TRP C 273 2.84 20.80 14.13
CA TRP C 273 1.62 21.59 14.28
C TRP C 273 0.40 20.69 14.22
N LEU C 274 0.44 19.66 13.36
CA LEU C 274 -0.64 18.67 13.34
C LEU C 274 -0.73 17.95 14.68
N LEU C 275 0.41 17.66 15.31
CA LEU C 275 0.35 17.05 16.63
C LEU C 275 -0.20 18.01 17.68
N ASP C 276 0.07 19.31 17.54
CA ASP C 276 -0.54 20.28 18.44
C ASP C 276 -2.05 20.29 18.29
N LEU C 277 -2.54 20.31 17.05
CA LEU C 277 -3.97 20.23 16.81
C LEU C 277 -4.56 18.94 17.36
N THR C 278 -3.85 17.82 17.17
CA THR C 278 -4.33 16.54 17.66
C THR C 278 -4.41 16.52 19.19
N ALA C 279 -3.39 17.06 19.86
CA ALA C 279 -3.42 17.12 21.31
C ALA C 279 -4.56 17.99 21.81
N GLU C 280 -4.75 19.15 21.18
CA GLU C 280 -5.85 20.03 21.59
C GLU C 280 -7.21 19.36 21.37
N ALA C 281 -7.37 18.67 20.24
CA ALA C 281 -8.64 18.01 19.95
C ALA C 281 -8.91 16.86 20.91
N LEU C 282 -7.87 16.06 21.20
CA LEU C 282 -8.05 14.94 22.13
C LEU C 282 -8.32 15.41 23.54
N THR C 283 -7.72 16.53 23.95
CA THR C 283 -7.99 17.08 25.28
C THR C 283 -9.29 17.86 25.36
N ARG C 284 -9.99 18.03 24.23
CA ARG C 284 -11.30 18.68 24.24
C ARG C 284 -12.40 17.64 24.11
N SER C 298 -8.84 17.05 0.55
CA SER C 298 -10.06 17.41 -0.18
C SER C 298 -9.73 18.16 -1.46
N GLY C 299 -9.71 17.44 -2.58
CA GLY C 299 -9.48 18.01 -3.89
C GLY C 299 -8.04 18.16 -4.32
N GLU C 300 -7.15 18.48 -3.38
CA GLU C 300 -5.76 18.73 -3.71
C GLU C 300 -4.88 17.49 -3.56
N GLY C 301 -5.29 16.52 -2.75
CA GLY C 301 -4.59 15.24 -2.77
C GLY C 301 -4.71 14.54 -4.11
N ARG C 302 -5.90 14.61 -4.72
CA ARG C 302 -6.08 14.03 -6.04
C ARG C 302 -5.20 14.71 -7.07
N TRP C 303 -5.12 16.05 -7.03
CA TRP C 303 -4.28 16.75 -7.99
C TRP C 303 -2.79 16.52 -7.72
N THR C 304 -2.41 16.32 -6.46
CA THR C 304 -1.02 15.98 -6.17
C THR C 304 -0.66 14.60 -6.71
N ILE C 305 -1.56 13.62 -6.55
CA ILE C 305 -1.34 12.32 -7.15
C ILE C 305 -1.33 12.41 -8.67
N GLU C 306 -2.15 13.30 -9.23
CA GLU C 306 -2.16 13.51 -10.67
C GLU C 306 -0.83 14.06 -11.16
N ALA C 307 -0.26 15.02 -10.42
CA ALA C 307 1.06 15.53 -10.77
C ALA C 307 2.12 14.45 -10.64
N ALA C 308 2.01 13.62 -9.60
CA ALA C 308 2.94 12.51 -9.44
C ALA C 308 2.87 11.56 -10.63
N ILE C 309 1.66 11.32 -11.13
CA ILE C 309 1.50 10.50 -12.33
C ILE C 309 2.13 11.20 -13.53
N GLU C 310 1.91 12.51 -13.65
CA GLU C 310 2.45 13.27 -14.77
C GLU C 310 3.97 13.25 -14.78
N GLU C 311 4.60 13.13 -13.61
CA GLU C 311 6.05 13.17 -13.50
C GLU C 311 6.68 11.80 -13.27
N ASP C 312 5.88 10.74 -13.23
CA ASP C 312 6.39 9.37 -13.09
C ASP C 312 7.19 9.20 -11.79
N VAL C 313 6.62 9.68 -10.70
CA VAL C 313 7.21 9.57 -9.37
C VAL C 313 6.24 8.79 -8.49
N PRO C 314 6.69 7.75 -7.79
CA PRO C 314 5.77 7.00 -6.92
C PRO C 314 5.50 7.75 -5.62
N ALA C 315 4.22 7.73 -5.23
CA ALA C 315 3.77 8.37 -3.99
C ALA C 315 2.88 7.38 -3.24
N PRO C 316 3.47 6.37 -2.60
CA PRO C 316 2.65 5.35 -1.93
C PRO C 316 1.86 5.88 -0.75
N VAL C 317 2.49 6.71 0.09
CA VAL C 317 1.83 7.20 1.30
C VAL C 317 0.64 8.07 0.94
N MET C 318 0.84 9.02 0.02
CA MET C 318 -0.26 9.90 -0.35
C MET C 318 -1.33 9.17 -1.16
N THR C 319 -0.93 8.18 -1.96
CA THR C 319 -1.92 7.37 -2.67
C THR C 319 -2.80 6.59 -1.69
N ALA C 320 -2.19 6.02 -0.64
CA ALA C 320 -2.98 5.32 0.37
C ALA C 320 -3.85 6.29 1.16
N ALA C 321 -3.33 7.49 1.45
CA ALA C 321 -4.14 8.49 2.14
C ALA C 321 -5.33 8.92 1.30
N LEU C 322 -5.17 8.97 -0.02
CA LEU C 322 -6.29 9.29 -0.89
C LEU C 322 -7.27 8.12 -0.97
N PHE C 323 -6.76 6.89 -1.04
CA PHE C 323 -7.63 5.71 -1.05
C PHE C 323 -8.38 5.54 0.26
N THR C 324 -7.90 6.15 1.35
CA THR C 324 -8.71 6.15 2.57
C THR C 324 -9.97 7.01 2.40
N ARG C 325 -9.92 8.00 1.52
CA ARG C 325 -11.11 8.79 1.23
C ARG C 325 -12.06 8.05 0.29
N PHE C 326 -11.51 7.36 -0.71
CA PHE C 326 -12.33 6.54 -1.58
C PHE C 326 -12.76 5.28 -0.86
N ARG C 327 -14.07 5.02 -0.82
CA ARG C 327 -14.60 3.81 -0.20
C ARG C 327 -15.62 3.18 -1.12
N SER C 328 -15.34 1.96 -1.56
CA SER C 328 -16.24 1.20 -2.42
C SER C 328 -16.67 -0.05 -1.67
N ARG C 329 -17.95 -0.14 -1.32
CA ARG C 329 -18.47 -1.37 -0.74
C ARG C 329 -18.54 -2.48 -1.77
N SER C 330 -18.69 -2.12 -3.06
CA SER C 330 -18.71 -3.14 -4.11
C SER C 330 -17.35 -3.79 -4.29
N GLY C 331 -16.27 -3.05 -4.05
CA GLY C 331 -14.94 -3.63 -4.18
C GLY C 331 -14.70 -4.81 -3.26
N ASN C 332 -15.31 -4.80 -2.09
CA ASN C 332 -15.24 -5.94 -1.19
C ASN C 332 -16.38 -6.93 -1.39
N ASN C 333 -17.58 -6.42 -1.74
CA ASN C 333 -18.72 -7.31 -1.97
C ASN C 333 -18.45 -8.26 -3.13
N PHE C 334 -17.76 -7.78 -4.17
CA PHE C 334 -17.44 -8.62 -5.32
C PHE C 334 -16.56 -9.80 -4.90
N ALA C 335 -15.47 -9.51 -4.18
CA ALA C 335 -14.57 -10.58 -3.74
C ALA C 335 -15.25 -11.52 -2.77
N GLU C 336 -16.12 -10.98 -1.90
CA GLU C 336 -16.81 -11.84 -0.94
C GLU C 336 -17.82 -12.75 -1.63
N LYS C 337 -18.49 -12.26 -2.67
CA LYS C 337 -19.38 -13.12 -3.44
C LYS C 337 -18.59 -14.17 -4.22
N ILE C 338 -17.41 -13.80 -4.74
CA ILE C 338 -16.57 -14.78 -5.42
C ILE C 338 -16.14 -15.87 -4.45
N LEU C 339 -15.80 -15.51 -3.22
CA LEU C 339 -15.40 -16.51 -2.23
C LEU C 339 -16.58 -17.38 -1.80
N SER C 340 -17.77 -16.77 -1.65
CA SER C 340 -18.96 -17.55 -1.33
C SER C 340 -19.27 -18.54 -2.42
N ALA C 341 -19.10 -18.15 -3.69
CA ALA C 341 -19.28 -19.09 -4.79
C ALA C 341 -18.18 -20.14 -4.82
N GLN C 342 -16.97 -19.78 -4.38
CA GLN C 342 -15.88 -20.74 -4.35
C GLN C 342 -16.16 -21.86 -3.34
N ARG C 343 -16.60 -21.50 -2.14
CA ARG C 343 -16.75 -22.49 -1.09
C ARG C 343 -18.17 -23.01 -0.92
N PHE C 344 -19.15 -22.47 -1.65
CA PHE C 344 -20.53 -22.92 -1.52
C PHE C 344 -21.14 -23.27 -2.89
N GLY C 345 -20.67 -22.61 -3.94
CA GLY C 345 -21.10 -22.92 -5.29
C GLY C 345 -22.40 -22.24 -5.67
N PHE C 346 -22.69 -22.30 -6.98
CA PHE C 346 -23.94 -21.76 -7.52
C PHE C 346 -25.04 -22.82 -7.53
N GLY C 347 -24.80 -23.93 -8.20
CA GLY C 347 -25.77 -25.02 -8.29
C GLY C 347 -25.24 -26.23 -9.01
N GLN D 19 -14.30 -18.69 -48.90
CA GLN D 19 -14.39 -17.81 -50.06
C GLN D 19 -13.07 -17.09 -50.31
N GLY D 20 -12.74 -16.13 -49.44
CA GLY D 20 -11.59 -15.28 -49.64
C GLY D 20 -10.75 -15.12 -48.39
N HIS D 21 -9.58 -14.51 -48.58
CA HIS D 21 -8.64 -14.20 -47.52
C HIS D 21 -8.36 -12.71 -47.52
N MET D 22 -7.66 -12.24 -46.49
CA MET D 22 -7.44 -10.82 -46.30
C MET D 22 -5.95 -10.48 -46.28
N ARG D 23 -5.65 -9.20 -46.42
CA ARG D 23 -4.30 -8.69 -46.56
C ARG D 23 -4.05 -7.61 -45.53
N ILE D 24 -2.95 -7.74 -44.78
CA ILE D 24 -2.63 -6.84 -43.66
C ILE D 24 -1.19 -6.39 -43.82
N GLY D 25 -0.93 -5.11 -43.53
CA GLY D 25 0.43 -4.65 -43.35
C GLY D 25 0.81 -4.73 -41.89
N ILE D 26 2.10 -4.98 -41.63
CA ILE D 26 2.60 -5.13 -40.27
C ILE D 26 3.81 -4.22 -40.11
N ILE D 27 3.73 -3.28 -39.18
CA ILE D 27 4.82 -2.36 -38.87
C ILE D 27 5.31 -2.69 -37.46
N GLY D 28 6.60 -3.04 -37.36
CA GLY D 28 7.16 -3.46 -36.10
C GLY D 28 7.13 -4.98 -35.97
N LEU D 29 8.27 -5.62 -36.25
CA LEU D 29 8.32 -7.07 -36.28
C LEU D 29 9.16 -7.63 -35.15
N GLY D 30 8.75 -7.39 -33.91
CA GLY D 30 9.41 -7.94 -32.75
C GLY D 30 8.99 -9.37 -32.51
N ARG D 31 9.11 -9.80 -31.26
CA ARG D 31 8.66 -11.14 -30.89
C ARG D 31 7.14 -11.27 -30.91
N MET D 32 6.41 -10.17 -31.02
CA MET D 32 4.96 -10.18 -31.13
C MET D 32 4.46 -9.89 -32.54
N GLY D 33 5.02 -8.88 -33.21
CA GLY D 33 4.56 -8.56 -34.55
C GLY D 33 4.95 -9.60 -35.58
N GLY D 34 6.19 -10.07 -35.53
CA GLY D 34 6.60 -11.14 -36.43
C GLY D 34 5.74 -12.39 -36.27
N ASN D 35 5.40 -12.72 -35.02
CA ASN D 35 4.62 -13.93 -34.78
C ASN D 35 3.18 -13.77 -35.24
N ILE D 36 2.58 -12.59 -35.05
CA ILE D 36 1.22 -12.40 -35.55
C ILE D 36 1.22 -12.42 -37.07
N ALA D 37 2.28 -11.92 -37.70
CA ALA D 37 2.40 -12.01 -39.15
C ALA D 37 2.49 -13.47 -39.60
N VAL D 38 3.34 -14.25 -38.94
CA VAL D 38 3.49 -15.67 -39.29
C VAL D 38 2.17 -16.42 -39.11
N ARG D 39 1.45 -16.13 -38.02
CA ARG D 39 0.17 -16.81 -37.79
C ARG D 39 -0.87 -16.40 -38.81
N LEU D 40 -0.90 -15.11 -39.19
CA LEU D 40 -1.80 -14.66 -40.24
C LEU D 40 -1.51 -15.39 -41.54
N THR D 41 -0.23 -15.60 -41.85
CA THR D 41 0.10 -16.36 -43.06
C THR D 41 -0.30 -17.82 -42.92
N ARG D 42 -0.21 -18.39 -41.72
CA ARG D 42 -0.60 -19.78 -41.51
C ARG D 42 -2.11 -19.99 -41.60
N HIS D 43 -2.90 -18.92 -41.58
CA HIS D 43 -4.34 -19.00 -41.76
C HIS D 43 -4.78 -18.54 -43.15
N GLY D 44 -3.83 -18.48 -44.10
CA GLY D 44 -4.15 -18.18 -45.48
C GLY D 44 -4.11 -16.71 -45.85
N HIS D 45 -3.85 -15.82 -44.91
CA HIS D 45 -3.85 -14.39 -45.19
C HIS D 45 -2.48 -13.92 -45.65
N ASP D 46 -2.47 -12.88 -46.47
CA ASP D 46 -1.24 -12.29 -46.99
C ASP D 46 -0.85 -11.11 -46.10
N VAL D 47 0.46 -10.98 -45.85
CA VAL D 47 0.97 -9.89 -45.02
C VAL D 47 2.07 -9.15 -45.77
N VAL D 48 2.18 -7.86 -45.47
CA VAL D 48 3.25 -7.00 -45.96
C VAL D 48 4.00 -6.49 -44.73
N VAL D 49 5.22 -6.96 -44.55
CA VAL D 49 5.94 -6.74 -43.30
C VAL D 49 7.05 -5.71 -43.50
N HIS D 50 7.41 -5.03 -42.42
CA HIS D 50 8.49 -4.06 -42.41
C HIS D 50 8.89 -3.75 -40.98
N ASP D 51 10.19 -3.69 -40.73
CA ASP D 51 10.74 -3.26 -39.45
C ASP D 51 11.89 -2.30 -39.71
N ARG D 52 12.35 -1.65 -38.64
CA ARG D 52 13.46 -0.71 -38.79
C ARG D 52 14.73 -1.43 -39.22
N THR D 53 15.00 -2.60 -38.65
CA THR D 53 16.14 -3.42 -39.04
C THR D 53 15.71 -4.34 -40.17
N SER D 54 16.31 -4.15 -41.35
CA SER D 54 15.91 -4.92 -42.52
C SER D 54 16.20 -6.41 -42.35
N GLU D 55 17.22 -6.75 -41.55
CA GLU D 55 17.54 -8.15 -41.31
C GLU D 55 16.35 -8.90 -40.74
N VAL D 56 15.72 -8.34 -39.70
CA VAL D 56 14.59 -9.03 -39.10
C VAL D 56 13.35 -8.99 -40.00
N THR D 57 13.25 -8.01 -40.89
CA THR D 57 12.14 -8.01 -41.85
C THR D 57 12.28 -9.17 -42.84
N THR D 58 13.44 -9.28 -43.48
CA THR D 58 13.69 -10.42 -44.36
C THR D 58 13.82 -11.73 -43.60
N SER D 59 13.92 -11.68 -42.27
CA SER D 59 13.86 -12.90 -41.47
C SER D 59 12.43 -13.34 -41.23
N VAL D 60 11.55 -12.41 -40.86
CA VAL D 60 10.13 -12.71 -40.74
C VAL D 60 9.60 -13.25 -42.06
N VAL D 61 10.02 -12.65 -43.17
CA VAL D 61 9.80 -13.28 -44.47
C VAL D 61 10.61 -14.57 -44.53
N GLY D 62 9.93 -15.68 -44.83
CA GLY D 62 10.58 -16.97 -44.82
C GLY D 62 10.10 -17.83 -43.67
N ARG D 63 9.89 -17.22 -42.51
CA ARG D 63 9.24 -17.93 -41.41
C ARG D 63 7.76 -18.10 -41.65
N CYS D 64 7.17 -17.30 -42.53
CA CYS D 64 5.76 -17.37 -42.84
C CYS D 64 5.49 -18.50 -43.84
N GLU D 65 4.22 -18.68 -44.19
CA GLU D 65 3.87 -19.65 -45.21
C GLU D 65 4.43 -19.22 -46.56
N ALA D 66 4.80 -20.19 -47.38
CA ALA D 66 5.51 -19.91 -48.61
C ALA D 66 4.67 -19.06 -49.56
N GLY D 67 5.25 -17.96 -50.04
CA GLY D 67 4.63 -17.14 -51.05
C GLY D 67 3.49 -16.25 -50.59
N ARG D 68 3.26 -16.15 -49.28
CA ARG D 68 2.14 -15.38 -48.75
C ARG D 68 2.57 -14.21 -47.88
N ALA D 69 3.89 -13.95 -47.76
CA ALA D 69 4.40 -12.84 -46.97
C ALA D 69 5.39 -12.07 -47.82
N THR D 70 5.17 -10.75 -47.95
CA THR D 70 6.07 -9.95 -48.75
C THR D 70 6.77 -8.88 -47.91
N PRO D 71 8.06 -8.67 -48.15
CA PRO D 71 8.80 -7.66 -47.37
C PRO D 71 8.66 -6.26 -47.94
N ALA D 72 8.59 -5.29 -47.04
CA ALA D 72 8.56 -3.88 -47.40
C ALA D 72 9.76 -3.18 -46.79
N ASP D 73 10.27 -2.18 -47.51
CA ASP D 73 11.44 -1.43 -47.06
C ASP D 73 11.08 -0.11 -46.40
N THR D 74 10.05 0.58 -46.89
CA THR D 74 9.58 1.83 -46.31
C THR D 74 8.08 1.76 -46.09
N LEU D 75 7.55 2.75 -45.37
CA LEU D 75 6.11 2.82 -45.14
C LEU D 75 5.36 3.16 -46.41
N ALA D 76 5.95 3.98 -47.28
CA ALA D 76 5.35 4.25 -48.58
C ALA D 76 5.33 2.99 -49.44
N ASP D 77 6.38 2.17 -49.34
CA ASP D 77 6.39 0.89 -50.03
C ASP D 77 5.25 -0.01 -49.54
N MET D 78 4.99 0.01 -48.23
CA MET D 78 3.89 -0.79 -47.70
C MET D 78 2.54 -0.24 -48.16
N ALA D 79 2.38 1.08 -48.16
CA ALA D 79 1.13 1.67 -48.65
C ALA D 79 0.91 1.33 -50.12
N LYS D 80 1.98 1.26 -50.90
CA LYS D 80 1.84 0.87 -52.31
C LYS D 80 1.55 -0.62 -52.45
N LEU D 81 2.10 -1.45 -51.55
CA LEU D 81 1.90 -2.89 -51.62
C LEU D 81 0.56 -3.33 -51.06
N LEU D 82 -0.15 -2.45 -50.36
CA LEU D 82 -1.48 -2.76 -49.84
C LEU D 82 -2.59 -2.28 -50.76
N GLU D 83 -2.25 -1.64 -51.88
CA GLU D 83 -3.27 -1.09 -52.77
C GLU D 83 -4.15 -2.20 -53.35
N GLY D 84 -5.36 -1.82 -53.70
CA GLY D 84 -6.35 -2.77 -54.19
C GLY D 84 -7.74 -2.24 -53.93
N ASP D 85 -8.72 -3.11 -54.17
CA ASP D 85 -10.12 -2.73 -53.98
C ASP D 85 -10.42 -2.48 -52.51
N GLU D 86 -10.31 -3.51 -51.68
CA GLU D 86 -10.71 -3.41 -50.29
C GLU D 86 -9.78 -2.48 -49.51
N HIS D 87 -10.18 -2.16 -48.28
CA HIS D 87 -9.46 -1.20 -47.46
C HIS D 87 -8.08 -1.73 -47.09
N ARG D 88 -7.14 -0.81 -46.88
CA ARG D 88 -5.79 -1.15 -46.46
C ARG D 88 -5.73 -1.12 -44.94
N VAL D 89 -5.51 -2.28 -44.33
CA VAL D 89 -5.39 -2.39 -42.89
C VAL D 89 -3.92 -2.51 -42.52
N VAL D 90 -3.49 -1.70 -41.55
CA VAL D 90 -2.08 -1.62 -41.15
C VAL D 90 -2.01 -1.81 -39.64
N TRP D 91 -1.50 -2.95 -39.20
CA TRP D 91 -1.30 -3.25 -37.79
C TRP D 91 0.09 -2.77 -37.37
N VAL D 92 0.13 -1.91 -36.37
CA VAL D 92 1.36 -1.26 -35.91
C VAL D 92 1.67 -1.79 -34.52
N MET D 93 2.84 -2.41 -34.37
CA MET D 93 3.32 -2.94 -33.09
C MET D 93 4.73 -2.39 -32.87
N LEU D 94 4.80 -1.13 -32.50
CA LEU D 94 6.05 -0.43 -32.24
C LEU D 94 6.15 -0.06 -30.77
N PRO D 95 7.36 0.26 -30.28
CA PRO D 95 7.50 0.70 -28.89
C PRO D 95 6.60 1.89 -28.59
N ALA D 96 5.79 1.75 -27.53
CA ALA D 96 4.83 2.78 -27.19
C ALA D 96 5.52 4.08 -26.83
N GLY D 97 4.91 5.19 -27.22
CA GLY D 97 5.46 6.50 -26.95
C GLY D 97 5.54 7.38 -28.19
N ALA D 98 6.73 7.90 -28.48
CA ALA D 98 6.89 8.76 -29.65
C ALA D 98 7.01 7.97 -30.94
N ILE D 99 7.55 6.74 -30.87
CA ILE D 99 7.71 5.92 -32.07
C ILE D 99 6.35 5.58 -32.68
N THR D 100 5.46 5.01 -31.86
CA THR D 100 4.14 4.63 -32.36
C THR D 100 3.34 5.84 -32.79
N GLU D 101 3.44 6.94 -32.05
CA GLU D 101 2.73 8.16 -32.42
C GLU D 101 3.20 8.68 -33.77
N ASP D 102 4.52 8.74 -33.97
CA ASP D 102 5.07 9.19 -35.24
C ASP D 102 4.63 8.28 -36.38
N CYS D 103 4.65 6.96 -36.16
CA CYS D 103 4.26 6.02 -37.20
C CYS D 103 2.79 6.18 -37.57
N VAL D 104 1.92 6.35 -36.56
CA VAL D 104 0.49 6.53 -36.83
C VAL D 104 0.25 7.83 -37.57
N GLN D 105 0.99 8.89 -37.20
CA GLN D 105 0.81 10.17 -37.90
C GLN D 105 1.31 10.10 -39.33
N GLN D 106 2.34 9.29 -39.61
CA GLN D 106 2.77 9.09 -40.99
C GLN D 106 1.73 8.30 -41.78
N LEU D 107 1.19 7.23 -41.17
CA LEU D 107 0.18 6.43 -41.84
C LEU D 107 -1.09 7.23 -42.11
N GLY D 108 -1.40 8.20 -41.24
CA GLY D 108 -2.53 9.07 -41.50
C GLY D 108 -2.38 9.88 -42.77
N GLY D 109 -1.14 10.18 -43.15
CA GLY D 109 -0.88 10.90 -44.38
C GLY D 109 -0.78 9.97 -45.58
N LEU D 110 -0.24 8.77 -45.37
CA LEU D 110 -0.08 7.84 -46.48
C LEU D 110 -1.41 7.18 -46.87
N LEU D 111 -2.14 6.67 -45.88
CA LEU D 111 -3.39 5.96 -46.17
C LEU D 111 -4.48 6.95 -46.59
N GLY D 112 -5.58 6.40 -47.09
CA GLY D 112 -6.68 7.21 -47.58
C GLY D 112 -7.99 6.93 -46.87
N ARG D 113 -9.10 7.33 -47.49
CA ARG D 113 -10.41 7.16 -46.88
C ARG D 113 -10.74 5.68 -46.73
N GLY D 114 -11.36 5.34 -45.60
CA GLY D 114 -11.79 3.98 -45.33
C GLY D 114 -10.71 3.05 -44.81
N ASP D 115 -9.44 3.37 -45.04
CA ASP D 115 -8.36 2.50 -44.57
C ASP D 115 -8.36 2.41 -43.05
N ILE D 116 -7.74 1.35 -42.55
CA ILE D 116 -7.82 0.99 -41.13
C ILE D 116 -6.42 0.95 -40.55
N ILE D 117 -6.25 1.59 -39.40
CA ILE D 117 -4.99 1.61 -38.66
C ILE D 117 -5.24 0.90 -37.33
N ILE D 118 -4.63 -0.26 -37.16
CA ILE D 118 -4.67 -1.03 -35.92
C ILE D 118 -3.42 -0.70 -35.12
N ASP D 119 -3.59 -0.50 -33.81
CA ASP D 119 -2.46 -0.20 -32.91
C ASP D 119 -2.42 -1.27 -31.83
N GLY D 120 -1.40 -2.13 -31.89
CA GLY D 120 -1.26 -3.23 -30.95
C GLY D 120 -0.28 -3.01 -29.82
N GLY D 121 0.40 -1.87 -29.77
CA GLY D 121 1.37 -1.62 -28.73
C GLY D 121 0.72 -1.35 -27.38
N ASN D 122 1.58 -1.01 -26.42
CA ASN D 122 1.13 -0.70 -25.05
C ASN D 122 0.90 0.81 -24.91
N THR D 123 -0.03 1.30 -25.71
CA THR D 123 -0.30 2.73 -25.80
C THR D 123 -1.29 3.17 -24.72
N TYR D 124 -1.08 4.38 -24.22
CA TYR D 124 -2.05 5.02 -23.34
C TYR D 124 -3.40 5.12 -24.05
N TYR D 125 -4.47 4.72 -23.37
CA TYR D 125 -5.77 4.66 -24.02
C TYR D 125 -6.27 6.06 -24.42
N LYS D 126 -5.91 7.08 -23.64
CA LYS D 126 -6.26 8.44 -24.02
C LYS D 126 -5.59 8.83 -25.32
N ASP D 127 -4.35 8.37 -25.53
CA ASP D 127 -3.70 8.56 -26.83
C ASP D 127 -4.50 7.88 -27.94
N ASP D 128 -5.07 6.71 -27.66
CA ASP D 128 -5.90 6.03 -28.66
C ASP D 128 -7.13 6.84 -29.01
N VAL D 129 -7.80 7.39 -28.00
CA VAL D 129 -8.98 8.22 -28.26
C VAL D 129 -8.59 9.44 -29.09
N ARG D 130 -7.48 10.09 -28.74
CA ARG D 130 -7.04 11.27 -29.47
C ARG D 130 -6.70 10.92 -30.92
N ARG D 131 -5.98 9.82 -31.13
CA ARG D 131 -5.63 9.40 -32.49
C ARG D 131 -6.87 9.06 -33.30
N SER D 132 -7.86 8.42 -32.66
CA SER D 132 -9.10 8.10 -33.37
C SER D 132 -9.80 9.38 -33.82
N ALA D 133 -9.87 10.38 -32.92
CA ALA D 133 -10.47 11.65 -33.31
C ALA D 133 -9.69 12.32 -34.44
N GLU D 134 -8.36 12.24 -34.39
CA GLU D 134 -7.53 12.90 -35.40
C GLU D 134 -7.67 12.22 -36.76
N LEU D 135 -7.79 10.89 -36.77
CA LEU D 135 -7.87 10.15 -38.02
C LEU D 135 -9.29 10.06 -38.58
N ALA D 136 -10.31 10.30 -37.75
CA ALA D 136 -11.67 10.33 -38.27
C ALA D 136 -11.88 11.49 -39.23
N GLU D 137 -11.17 12.61 -39.03
CA GLU D 137 -11.27 13.72 -39.96
C GLU D 137 -10.77 13.34 -41.35
N LYS D 138 -9.68 12.58 -41.41
CA LYS D 138 -9.14 12.12 -42.68
C LYS D 138 -9.90 10.93 -43.25
N GLY D 139 -10.95 10.46 -42.57
CA GLY D 139 -11.69 9.31 -43.04
C GLY D 139 -11.06 7.97 -42.74
N ILE D 140 -9.98 7.95 -41.96
CA ILE D 140 -9.27 6.71 -41.63
C ILE D 140 -9.81 6.16 -40.32
N SER D 141 -10.22 4.90 -40.34
CA SER D 141 -10.72 4.24 -39.13
C SER D 141 -9.55 3.76 -38.29
N TYR D 142 -9.65 3.97 -36.98
CA TYR D 142 -8.60 3.64 -36.03
C TYR D 142 -9.11 2.61 -35.04
N VAL D 143 -8.33 1.56 -34.82
CA VAL D 143 -8.67 0.49 -33.89
C VAL D 143 -7.49 0.29 -32.94
N ASP D 144 -7.79 0.15 -31.65
CA ASP D 144 -6.77 -0.11 -30.64
C ASP D 144 -6.92 -1.53 -30.13
N VAL D 145 -5.85 -2.31 -30.18
CA VAL D 145 -5.87 -3.72 -29.83
C VAL D 145 -4.85 -3.95 -28.72
N GLY D 146 -5.31 -4.51 -27.60
CA GLY D 146 -4.43 -5.04 -26.59
C GLY D 146 -4.28 -6.53 -26.81
N THR D 147 -3.04 -6.97 -27.02
CA THR D 147 -2.72 -8.34 -27.37
C THR D 147 -2.06 -9.01 -26.17
N SER D 148 -2.65 -10.10 -25.71
CA SER D 148 -2.14 -10.86 -24.57
C SER D 148 -1.82 -12.27 -25.02
N GLY D 149 -0.67 -12.77 -24.57
CA GLY D 149 -0.21 -14.09 -24.96
C GLY D 149 1.29 -14.15 -25.11
N GLY D 150 1.88 -13.06 -25.60
CA GLY D 150 3.34 -13.00 -25.72
C GLY D 150 3.85 -13.99 -26.74
N VAL D 151 4.88 -14.74 -26.34
CA VAL D 151 5.45 -15.75 -27.24
C VAL D 151 4.53 -16.96 -27.36
N TRP D 152 3.73 -17.23 -26.32
CA TRP D 152 2.84 -18.38 -26.32
C TRP D 152 1.68 -18.24 -27.29
N GLY D 153 1.41 -17.03 -27.79
CA GLY D 153 0.26 -16.82 -28.66
C GLY D 153 0.43 -17.31 -30.07
N LEU D 154 1.67 -17.55 -30.51
CA LEU D 154 1.89 -18.03 -31.87
C LEU D 154 1.25 -19.39 -32.10
N GLU D 155 1.31 -20.27 -31.09
CA GLU D 155 0.73 -21.60 -31.18
C GLU D 155 -0.62 -21.70 -30.50
N ARG D 156 -0.90 -20.85 -29.51
CA ARG D 156 -2.11 -20.96 -28.72
C ARG D 156 -3.07 -19.80 -28.94
N GLY D 157 -2.81 -18.94 -29.92
CA GLY D 157 -3.67 -17.81 -30.19
C GLY D 157 -3.47 -16.67 -29.21
N TYR D 158 -3.89 -15.49 -29.64
CA TYR D 158 -3.75 -14.26 -28.86
C TYR D 158 -5.10 -13.83 -28.30
N CYS D 159 -5.13 -13.51 -27.01
CA CYS D 159 -6.30 -12.89 -26.41
C CYS D 159 -6.28 -11.40 -26.74
N MET D 160 -7.23 -10.95 -27.56
CA MET D 160 -7.20 -9.60 -28.10
C MET D 160 -8.41 -8.83 -27.64
N MET D 161 -8.18 -7.67 -27.02
CA MET D 161 -9.23 -6.77 -26.58
C MET D 161 -9.10 -5.49 -27.39
N PHE D 162 -10.04 -5.24 -28.30
CA PHE D 162 -9.90 -4.13 -29.21
C PHE D 162 -11.11 -3.19 -29.14
N GLY D 163 -10.88 -1.98 -29.61
CA GLY D 163 -11.88 -0.94 -29.68
C GLY D 163 -11.86 -0.22 -31.02
N GLY D 164 -13.04 0.07 -31.55
CA GLY D 164 -13.16 0.74 -32.83
C GLY D 164 -14.61 0.81 -33.25
N THR D 165 -14.82 1.13 -34.53
CA THR D 165 -16.16 1.23 -35.06
C THR D 165 -16.75 -0.16 -35.28
N LYS D 166 -18.07 -0.27 -35.09
CA LYS D 166 -18.75 -1.55 -35.27
C LYS D 166 -18.57 -2.07 -36.70
N GLU D 167 -18.69 -1.17 -37.68
CA GLU D 167 -18.44 -1.56 -39.07
C GLU D 167 -16.99 -2.02 -39.25
N THR D 168 -16.05 -1.24 -38.72
CA THR D 168 -14.64 -1.63 -38.79
C THR D 168 -14.38 -2.92 -38.03
N ALA D 169 -15.05 -3.10 -36.88
CA ALA D 169 -14.88 -4.33 -36.12
C ALA D 169 -15.35 -5.53 -36.91
N GLU D 170 -16.50 -5.42 -37.57
CA GLU D 170 -16.99 -6.51 -38.42
C GLU D 170 -16.11 -6.72 -39.64
N TYR D 171 -15.40 -5.69 -40.09
CA TYR D 171 -14.55 -5.83 -41.27
C TYR D 171 -13.31 -6.66 -40.96
N ILE D 172 -12.62 -6.36 -39.86
CA ILE D 172 -11.35 -7.00 -39.54
C ILE D 172 -11.57 -8.31 -38.81
N ASP D 173 -12.82 -8.79 -38.76
CA ASP D 173 -13.13 -10.00 -38.01
C ASP D 173 -12.38 -11.24 -38.51
N PRO D 174 -12.15 -11.44 -39.81
CA PRO D 174 -11.35 -12.61 -40.20
C PRO D 174 -9.93 -12.60 -39.66
N ILE D 175 -9.24 -11.46 -39.75
CA ILE D 175 -7.85 -11.41 -39.31
C ILE D 175 -7.73 -11.48 -37.79
N LEU D 176 -8.80 -11.15 -37.05
CA LEU D 176 -8.77 -11.32 -35.61
C LEU D 176 -9.15 -12.74 -35.21
N SER D 177 -10.09 -13.35 -35.93
CA SER D 177 -10.47 -14.74 -35.67
C SER D 177 -9.33 -15.69 -36.04
N ALA D 178 -8.48 -15.29 -36.98
CA ALA D 178 -7.31 -16.10 -37.28
C ALA D 178 -6.31 -16.07 -36.14
N LEU D 179 -6.06 -14.88 -35.57
CA LEU D 179 -5.13 -14.75 -34.45
C LEU D 179 -5.73 -15.19 -33.13
N ALA D 180 -7.04 -15.33 -33.04
CA ALA D 180 -7.68 -15.69 -31.79
C ALA D 180 -7.44 -17.16 -31.47
N PRO D 181 -7.48 -17.53 -30.19
CA PRO D 181 -7.34 -18.96 -29.84
C PRO D 181 -8.52 -19.80 -30.30
N GLY D 182 -9.72 -19.21 -30.36
CA GLY D 182 -10.91 -19.97 -30.68
C GLY D 182 -11.62 -20.49 -29.44
N ILE D 183 -12.69 -21.26 -29.67
CA ILE D 183 -13.44 -21.81 -28.55
C ILE D 183 -12.60 -22.79 -27.76
N GLY D 184 -11.68 -23.50 -28.44
CA GLY D 184 -10.69 -24.38 -27.88
C GLY D 184 -11.25 -25.44 -26.94
N ASP D 185 -10.32 -25.96 -26.13
CA ASP D 185 -10.63 -26.97 -25.11
C ASP D 185 -11.10 -26.36 -23.81
N VAL D 186 -11.19 -25.04 -23.72
CA VAL D 186 -11.63 -24.36 -22.50
C VAL D 186 -13.13 -24.61 -22.31
N PRO D 187 -13.55 -25.15 -21.17
CA PRO D 187 -14.98 -25.41 -20.95
C PRO D 187 -15.79 -24.12 -20.94
N ARG D 188 -16.98 -24.18 -21.53
CA ARG D 188 -17.87 -23.03 -21.54
C ARG D 188 -18.39 -22.75 -20.13
N THR D 189 -18.50 -21.47 -19.80
CA THR D 189 -19.09 -21.09 -18.52
C THR D 189 -20.61 -21.17 -18.61
N PRO D 190 -21.28 -21.82 -17.67
CA PRO D 190 -22.74 -21.90 -17.72
C PRO D 190 -23.36 -20.50 -17.69
N GLY D 191 -24.43 -20.32 -18.47
CA GLY D 191 -25.19 -19.08 -18.51
C GLY D 191 -24.81 -18.11 -19.63
N ARG D 192 -24.31 -18.61 -20.76
CA ARG D 192 -23.77 -17.77 -21.84
C ARG D 192 -24.60 -17.88 -23.12
N ASP D 193 -25.93 -17.79 -23.00
CA ASP D 193 -26.79 -17.88 -24.16
C ASP D 193 -27.94 -16.87 -24.07
N GLU D 194 -27.67 -15.71 -23.52
CA GLU D 194 -28.64 -14.62 -23.44
C GLU D 194 -28.24 -13.49 -24.38
N ALA D 195 -29.14 -12.53 -24.51
CA ALA D 195 -28.89 -11.35 -25.33
C ALA D 195 -27.96 -10.40 -24.60
N GLY D 196 -27.23 -9.62 -25.39
CA GLY D 196 -26.23 -8.72 -24.85
C GLY D 196 -24.88 -9.34 -24.63
N HIS D 197 -24.70 -10.62 -24.96
CA HIS D 197 -23.43 -11.32 -24.83
C HIS D 197 -22.80 -11.45 -26.21
N ASP D 198 -21.64 -10.84 -26.39
CA ASP D 198 -20.88 -10.99 -27.62
C ASP D 198 -20.33 -12.41 -27.70
N PRO D 199 -20.78 -13.24 -28.64
CA PRO D 199 -20.29 -14.63 -28.67
C PRO D 199 -18.83 -14.73 -29.02
N ARG D 200 -18.29 -13.77 -29.78
CA ARG D 200 -16.89 -13.81 -30.17
C ARG D 200 -15.95 -13.76 -28.97
N ALA D 201 -16.43 -13.27 -27.82
CA ALA D 201 -15.62 -13.29 -26.61
C ALA D 201 -15.24 -14.71 -26.22
N GLU D 202 -16.09 -15.69 -26.54
CA GLU D 202 -15.76 -17.08 -26.25
C GLU D 202 -14.66 -17.63 -27.16
N GLN D 203 -14.16 -16.83 -28.11
CA GLN D 203 -13.12 -17.27 -29.02
C GLN D 203 -11.78 -16.59 -28.77
N GLY D 204 -11.71 -15.66 -27.82
CA GLY D 204 -10.46 -15.03 -27.45
C GLY D 204 -10.30 -13.59 -27.89
N TYR D 205 -11.23 -13.05 -28.68
CA TYR D 205 -11.17 -11.66 -29.10
C TYR D 205 -12.52 -11.01 -28.86
N LEU D 206 -12.49 -9.77 -28.36
CA LEU D 206 -13.71 -9.08 -27.96
C LEU D 206 -13.65 -7.62 -28.38
N HIS D 207 -14.74 -7.14 -28.96
CA HIS D 207 -14.91 -5.71 -29.24
C HIS D 207 -15.42 -5.05 -27.97
N CYS D 208 -14.53 -4.34 -27.28
CA CYS D 208 -14.90 -3.78 -25.98
C CYS D 208 -15.81 -2.56 -26.11
N GLY D 209 -15.54 -1.71 -27.09
CA GLY D 209 -16.34 -0.53 -27.31
C GLY D 209 -15.70 0.40 -28.31
N PRO D 210 -15.84 1.71 -28.10
CA PRO D 210 -15.21 2.68 -29.01
C PRO D 210 -13.69 2.64 -28.92
N ALA D 211 -13.02 3.40 -29.77
CA ALA D 211 -11.56 3.41 -29.78
C ALA D 211 -11.02 3.91 -28.46
N GLY D 212 -10.05 3.18 -27.91
CA GLY D 212 -9.49 3.45 -26.61
C GLY D 212 -9.90 2.46 -25.54
N SER D 213 -11.04 1.80 -25.71
CA SER D 213 -11.51 0.86 -24.69
C SER D 213 -10.69 -0.42 -24.67
N GLY D 214 -10.15 -0.83 -25.83
CA GLY D 214 -9.35 -2.04 -25.86
C GLY D 214 -8.08 -1.92 -25.07
N HIS D 215 -7.32 -0.84 -25.29
CA HIS D 215 -6.11 -0.64 -24.50
C HIS D 215 -6.44 -0.33 -23.05
N PHE D 216 -7.61 0.25 -22.78
CA PHE D 216 -8.03 0.48 -21.40
C PHE D 216 -8.22 -0.84 -20.66
N VAL D 217 -8.97 -1.76 -21.27
CA VAL D 217 -9.20 -3.04 -20.61
C VAL D 217 -7.91 -3.86 -20.57
N LYS D 218 -7.03 -3.69 -21.55
CA LYS D 218 -5.71 -4.33 -21.48
C LYS D 218 -4.89 -3.78 -20.32
N MET D 219 -5.01 -2.49 -20.06
CA MET D 219 -4.32 -1.86 -18.93
C MET D 219 -4.81 -2.43 -17.61
N VAL D 220 -6.13 -2.53 -17.45
CA VAL D 220 -6.67 -3.13 -16.23
C VAL D 220 -6.30 -4.61 -16.14
N HIS D 221 -6.21 -5.29 -17.29
CA HIS D 221 -5.77 -6.67 -17.34
C HIS D 221 -4.34 -6.81 -16.81
N ASN D 222 -3.45 -5.93 -17.24
CA ASN D 222 -2.08 -5.95 -16.73
C ASN D 222 -2.04 -5.64 -15.25
N GLY D 223 -2.91 -4.74 -14.78
CA GLY D 223 -3.00 -4.50 -13.34
C GLY D 223 -3.35 -5.74 -12.56
N ILE D 224 -4.38 -6.46 -13.01
CA ILE D 224 -4.76 -7.72 -12.37
C ILE D 224 -3.61 -8.72 -12.42
N GLU D 225 -2.93 -8.79 -13.56
CA GLU D 225 -1.80 -9.70 -13.72
C GLU D 225 -0.71 -9.41 -12.69
N TYR D 226 -0.36 -8.14 -12.52
CA TYR D 226 0.70 -7.78 -11.58
C TYR D 226 0.25 -8.05 -10.15
N GLY D 227 -1.03 -7.80 -9.84
CA GLY D 227 -1.53 -8.13 -8.51
C GLY D 227 -1.39 -9.61 -8.20
N MET D 228 -1.81 -10.47 -9.13
CA MET D 228 -1.68 -11.91 -8.91
C MET D 228 -0.21 -12.32 -8.84
N MET D 229 0.64 -11.72 -9.66
CA MET D 229 2.05 -12.06 -9.66
C MET D 229 2.69 -11.75 -8.31
N GLN D 230 2.36 -10.58 -7.74
CA GLN D 230 2.90 -10.25 -6.42
C GLN D 230 2.29 -11.11 -5.32
N ALA D 231 1.02 -11.50 -5.46
CA ALA D 231 0.44 -12.45 -4.52
C ALA D 231 1.23 -13.75 -4.51
N PHE D 232 1.51 -14.30 -5.70
CA PHE D 232 2.31 -15.51 -5.80
C PHE D 232 3.70 -15.31 -5.19
N ALA D 233 4.33 -14.17 -5.48
CA ALA D 233 5.67 -13.90 -4.97
C ALA D 233 5.67 -13.91 -3.45
N GLU D 234 4.71 -13.21 -2.82
CA GLU D 234 4.66 -13.15 -1.38
C GLU D 234 4.34 -14.52 -0.77
N GLY D 235 3.46 -15.29 -1.42
CA GLY D 235 3.15 -16.62 -0.92
C GLY D 235 4.37 -17.53 -0.91
N PHE D 236 5.06 -17.61 -2.06
CA PHE D 236 6.24 -18.47 -2.12
C PHE D 236 7.36 -17.93 -1.23
N ASP D 237 7.40 -16.61 -0.99
CA ASP D 237 8.38 -16.06 -0.06
C ASP D 237 8.10 -16.53 1.36
N ILE D 238 6.84 -16.43 1.79
CA ILE D 238 6.45 -16.93 3.11
C ILE D 238 6.73 -18.42 3.22
N MET D 239 6.61 -19.15 2.11
CA MET D 239 6.85 -20.59 2.16
C MET D 239 8.34 -20.90 2.30
N LYS D 240 9.18 -20.27 1.47
CA LYS D 240 10.60 -20.56 1.53
C LYS D 240 11.23 -20.08 2.83
N SER D 241 10.77 -18.94 3.36
CA SER D 241 11.34 -18.41 4.59
C SER D 241 10.88 -19.15 5.83
N LYS D 242 10.07 -20.20 5.69
CA LYS D 242 9.72 -21.01 6.85
C LYS D 242 10.90 -21.83 7.35
N ASN D 243 11.95 -21.98 6.54
CA ASN D 243 13.17 -22.68 6.92
C ASN D 243 14.34 -21.72 7.12
N SER D 244 14.07 -20.43 7.29
CA SER D 244 15.12 -19.46 7.48
C SER D 244 15.67 -19.55 8.91
N PRO D 245 16.96 -19.23 9.09
CA PRO D 245 17.55 -19.32 10.44
C PRO D 245 16.99 -18.31 11.43
N ILE D 246 16.20 -17.32 10.97
CA ILE D 246 15.60 -16.36 11.89
C ILE D 246 14.56 -17.00 12.80
N LEU D 247 14.16 -18.23 12.51
CA LEU D 247 13.20 -18.97 13.31
C LEU D 247 13.89 -20.07 14.08
N ALA D 248 13.34 -20.40 15.24
CA ALA D 248 13.84 -21.54 16.00
C ALA D 248 13.58 -22.83 15.23
N GLU D 249 14.48 -23.81 15.42
CA GLU D 249 14.37 -25.06 14.67
C GLU D 249 13.06 -25.77 14.93
N LYS D 250 12.49 -25.62 16.13
CA LYS D 250 11.22 -26.25 16.46
C LYS D 250 10.04 -25.60 15.75
N ASP D 251 10.25 -24.49 15.05
CA ASP D 251 9.18 -23.77 14.37
C ASP D 251 9.45 -23.63 12.87
N ARG D 252 10.24 -24.55 12.31
CA ARG D 252 10.68 -24.45 10.93
C ARG D 252 10.18 -25.63 10.12
N PHE D 253 9.86 -25.37 8.86
CA PHE D 253 9.51 -26.39 7.87
C PHE D 253 10.40 -26.22 6.66
N GLU D 254 10.95 -27.33 6.16
CA GLU D 254 11.72 -27.32 4.92
C GLU D 254 10.78 -27.71 3.78
N LEU D 255 10.09 -26.72 3.24
CA LEU D 255 9.09 -26.94 2.21
C LEU D 255 9.74 -26.99 0.83
N ASN D 256 9.12 -27.73 -0.09
CA ASN D 256 9.60 -27.88 -1.45
C ASN D 256 8.78 -26.96 -2.34
N MET D 257 9.42 -25.92 -2.87
CA MET D 257 8.69 -24.91 -3.66
C MET D 257 8.13 -25.52 -4.94
N GLY D 258 8.95 -26.29 -5.66
CA GLY D 258 8.48 -26.85 -6.91
C GLY D 258 7.31 -27.81 -6.74
N ASP D 259 7.37 -28.65 -5.71
CA ASP D 259 6.29 -29.59 -5.48
C ASP D 259 5.00 -28.88 -5.08
N ILE D 260 5.10 -27.79 -4.33
CA ILE D 260 3.91 -27.02 -3.97
C ILE D 260 3.32 -26.36 -5.21
N ALA D 261 4.18 -25.74 -6.03
CA ALA D 261 3.70 -25.13 -7.27
C ALA D 261 3.06 -26.16 -8.19
N GLU D 262 3.55 -27.41 -8.16
CA GLU D 262 2.97 -28.46 -8.98
C GLU D 262 1.62 -28.91 -8.44
N VAL D 263 1.56 -29.22 -7.14
CA VAL D 263 0.32 -29.73 -6.56
C VAL D 263 -0.78 -28.69 -6.64
N TRP D 264 -0.42 -27.40 -6.64
CA TRP D 264 -1.42 -26.35 -6.73
C TRP D 264 -2.09 -26.27 -8.09
N ARG D 265 -1.55 -26.94 -9.11
CA ARG D 265 -2.13 -26.87 -10.45
C ARG D 265 -3.35 -27.77 -10.60
N ARG D 266 -3.55 -28.73 -9.70
CA ARG D 266 -4.57 -29.77 -9.86
C ARG D 266 -5.75 -29.45 -8.95
N GLY D 267 -6.69 -28.69 -9.46
CA GLY D 267 -7.95 -28.45 -8.76
C GLY D 267 -7.85 -27.65 -7.48
N SER D 268 -7.04 -26.60 -7.47
CA SER D 268 -6.97 -25.68 -6.35
C SER D 268 -7.55 -24.33 -6.76
N VAL D 269 -7.78 -23.48 -5.75
CA VAL D 269 -8.33 -22.16 -6.02
C VAL D 269 -7.30 -21.23 -6.63
N VAL D 270 -6.01 -21.54 -6.47
CA VAL D 270 -4.93 -20.69 -6.94
C VAL D 270 -4.40 -21.11 -8.30
N SER D 271 -4.91 -22.21 -8.86
CA SER D 271 -4.48 -22.65 -10.18
C SER D 271 -4.75 -21.57 -11.22
N SER D 272 -3.76 -21.32 -12.08
CA SER D 272 -3.82 -20.23 -13.05
C SER D 272 -2.72 -20.43 -14.08
N TRP D 273 -2.74 -19.58 -15.10
CA TRP D 273 -1.66 -19.58 -16.09
C TRP D 273 -0.36 -19.04 -15.47
N LEU D 274 -0.47 -18.01 -14.64
CA LEU D 274 0.69 -17.52 -13.90
C LEU D 274 1.30 -18.64 -13.05
N LEU D 275 0.45 -19.46 -12.43
CA LEU D 275 0.96 -20.57 -11.64
C LEU D 275 1.60 -21.63 -12.51
N ASP D 276 1.12 -21.81 -13.74
CA ASP D 276 1.78 -22.75 -14.65
C ASP D 276 3.17 -22.26 -15.03
N LEU D 277 3.30 -20.97 -15.35
CA LEU D 277 4.62 -20.40 -15.59
C LEU D 277 5.51 -20.54 -14.37
N THR D 278 4.95 -20.30 -13.18
CA THR D 278 5.73 -20.41 -11.94
C THR D 278 6.21 -21.84 -11.72
N ALA D 279 5.35 -22.83 -11.98
CA ALA D 279 5.73 -24.22 -11.80
C ALA D 279 6.77 -24.65 -12.82
N GLU D 280 6.70 -24.12 -14.04
CA GLU D 280 7.74 -24.44 -15.02
C GLU D 280 9.06 -23.78 -14.66
N ALA D 281 9.02 -22.57 -14.08
CA ALA D 281 10.26 -21.87 -13.74
C ALA D 281 10.91 -22.45 -12.48
N LEU D 282 10.11 -22.86 -11.50
CA LEU D 282 10.68 -23.37 -10.25
C LEU D 282 11.40 -24.68 -10.46
N THR D 283 10.86 -25.56 -11.30
CA THR D 283 11.54 -26.79 -11.66
C THR D 283 12.68 -26.56 -12.65
N ARG D 284 12.79 -25.36 -13.20
CA ARG D 284 13.87 -25.01 -14.12
C ARG D 284 15.06 -24.38 -13.43
N SER D 285 14.88 -23.89 -12.21
CA SER D 285 15.97 -23.26 -11.46
C SER D 285 16.93 -24.31 -10.91
N SER D 298 8.88 -0.21 -16.36
CA SER D 298 9.34 0.59 -15.24
C SER D 298 8.21 0.73 -14.23
N GLY D 299 7.37 1.74 -14.45
CA GLY D 299 6.18 1.95 -13.65
C GLY D 299 4.97 2.21 -14.52
N GLU D 300 4.66 1.28 -15.44
CA GLU D 300 3.58 1.47 -16.40
C GLU D 300 2.21 1.20 -15.80
N GLY D 301 2.15 0.53 -14.64
CA GLY D 301 0.86 0.31 -14.00
C GLY D 301 0.25 1.56 -13.41
N ARG D 302 1.04 2.64 -13.27
CA ARG D 302 0.54 3.87 -12.67
C ARG D 302 -0.65 4.43 -13.45
N TRP D 303 -0.67 4.23 -14.78
CA TRP D 303 -1.82 4.64 -15.57
C TRP D 303 -3.09 4.02 -15.03
N THR D 304 -3.05 2.71 -14.78
CA THR D 304 -4.16 2.03 -14.10
C THR D 304 -4.58 2.81 -12.86
N ILE D 305 -3.61 3.12 -11.99
CA ILE D 305 -3.90 3.85 -10.77
C ILE D 305 -4.62 5.16 -11.08
N GLU D 306 -4.15 5.88 -12.10
CA GLU D 306 -4.80 7.13 -12.48
C GLU D 306 -6.28 6.89 -12.78
N ALA D 307 -6.57 5.85 -13.56
CA ALA D 307 -7.96 5.48 -13.81
C ALA D 307 -8.71 5.30 -12.50
N ALA D 308 -8.13 4.51 -11.59
CA ALA D 308 -8.76 4.29 -10.28
C ALA D 308 -8.96 5.60 -9.54
N ILE D 309 -8.05 6.55 -9.72
CA ILE D 309 -8.21 7.85 -9.07
C ILE D 309 -9.30 8.66 -9.75
N GLU D 310 -9.41 8.54 -11.08
CA GLU D 310 -10.39 9.32 -11.81
C GLU D 310 -11.82 8.87 -11.53
N GLU D 311 -12.01 7.66 -11.03
CA GLU D 311 -13.33 7.10 -10.82
C GLU D 311 -13.65 6.87 -9.36
N ASP D 312 -12.83 7.39 -8.45
CA ASP D 312 -13.01 7.23 -7.00
C ASP D 312 -13.12 5.75 -6.64
N VAL D 313 -12.23 4.95 -7.20
CA VAL D 313 -12.20 3.51 -6.99
C VAL D 313 -10.97 3.17 -6.16
N PRO D 314 -11.13 2.59 -4.97
CA PRO D 314 -9.96 2.15 -4.20
C PRO D 314 -9.34 0.91 -4.84
N ALA D 315 -8.02 0.95 -5.03
CA ALA D 315 -7.26 -0.17 -5.56
C ALA D 315 -6.04 -0.41 -4.70
N PRO D 316 -6.22 -0.87 -3.46
CA PRO D 316 -5.07 -1.05 -2.58
C PRO D 316 -4.15 -2.18 -3.01
N VAL D 317 -4.71 -3.28 -3.50
CA VAL D 317 -3.90 -4.43 -3.90
C VAL D 317 -3.04 -4.09 -5.11
N MET D 318 -3.66 -3.54 -6.16
CA MET D 318 -2.89 -3.12 -7.34
C MET D 318 -1.85 -2.07 -6.97
N THR D 319 -2.21 -1.15 -6.06
CA THR D 319 -1.28 -0.10 -5.66
C THR D 319 -0.05 -0.68 -4.97
N ALA D 320 -0.26 -1.61 -4.04
CA ALA D 320 0.86 -2.23 -3.35
C ALA D 320 1.71 -3.05 -4.32
N ALA D 321 1.07 -3.82 -5.21
CA ALA D 321 1.81 -4.61 -6.17
C ALA D 321 2.65 -3.72 -7.08
N LEU D 322 2.10 -2.59 -7.50
CA LEU D 322 2.86 -1.68 -8.36
C LEU D 322 4.02 -1.06 -7.60
N PHE D 323 3.77 -0.58 -6.39
CA PHE D 323 4.84 0.07 -5.63
C PHE D 323 5.87 -0.89 -5.09
N THR D 324 5.65 -2.20 -5.20
CA THR D 324 6.76 -3.14 -5.02
C THR D 324 7.80 -2.97 -6.13
N ARG D 325 7.34 -2.75 -7.37
CA ARG D 325 8.24 -2.56 -8.50
C ARG D 325 8.47 -1.10 -8.85
N PHE D 326 7.55 -0.21 -8.46
CA PHE D 326 7.67 1.22 -8.73
C PHE D 326 8.40 1.87 -7.55
N ARG D 327 9.65 2.28 -7.76
CA ARG D 327 10.48 2.80 -6.69
C ARG D 327 11.17 4.08 -7.16
N SER D 328 11.45 4.96 -6.20
CA SER D 328 12.10 6.24 -6.45
C SER D 328 13.45 6.27 -5.75
N ARG D 329 14.50 6.62 -6.51
CA ARG D 329 15.83 6.75 -5.93
C ARG D 329 15.88 7.92 -4.94
N SER D 330 15.47 9.11 -5.39
CA SER D 330 15.48 10.28 -4.53
C SER D 330 14.53 10.11 -3.37
N GLY D 331 13.33 9.58 -3.62
CA GLY D 331 12.36 9.41 -2.55
C GLY D 331 12.84 8.51 -1.44
N ASN D 332 13.72 7.56 -1.75
CA ASN D 332 14.26 6.64 -0.75
C ASN D 332 15.47 7.23 -0.04
N ASN D 333 16.45 7.74 -0.80
CA ASN D 333 17.66 8.25 -0.16
C ASN D 333 17.36 9.50 0.65
N PHE D 334 16.33 10.27 0.26
CA PHE D 334 15.94 11.44 1.02
C PHE D 334 15.44 11.06 2.41
N ALA D 335 14.50 10.11 2.47
CA ALA D 335 13.99 9.67 3.76
C ALA D 335 15.08 9.02 4.60
N GLU D 336 15.98 8.26 3.96
CA GLU D 336 17.06 7.65 4.72
C GLU D 336 18.02 8.70 5.28
N LYS D 337 18.28 9.76 4.52
CA LYS D 337 19.10 10.86 5.04
C LYS D 337 18.40 11.57 6.19
N ILE D 338 17.08 11.75 6.10
CA ILE D 338 16.35 12.40 7.19
C ILE D 338 16.41 11.55 8.46
N LEU D 339 16.27 10.23 8.32
CA LEU D 339 16.35 9.36 9.50
C LEU D 339 17.76 9.35 10.07
N SER D 340 18.78 9.36 9.21
CA SER D 340 20.15 9.43 9.68
C SER D 340 20.41 10.73 10.42
N ALA D 341 19.83 11.82 9.95
CA ALA D 341 19.93 13.09 10.68
C ALA D 341 19.21 13.00 12.02
N GLN D 342 18.06 12.33 12.05
CA GLN D 342 17.31 12.19 13.30
C GLN D 342 18.14 11.47 14.37
N ARG D 343 18.71 10.31 14.02
CA ARG D 343 19.35 9.50 15.05
C ARG D 343 20.84 9.77 15.22
N PHE D 344 21.48 10.44 14.26
CA PHE D 344 22.93 10.68 14.32
C PHE D 344 23.33 12.12 14.04
N GLY D 345 22.48 12.93 13.42
CA GLY D 345 22.83 14.30 13.09
C GLY D 345 23.59 14.41 11.79
#